data_9HV3
#
_entry.id   9HV3
#
_cell.length_a   82.474
_cell.length_b   85.620
_cell.length_c   178.340
_cell.angle_alpha   90.00
_cell.angle_beta   90.00
_cell.angle_gamma   90.00
#
_symmetry.space_group_name_H-M   'P 21 21 21'
#
loop_
_entity.id
_entity.type
_entity.pdbx_description
1 polymer 'Glycogen synthase kinase-3 beta'
2 non-polymer 2-oxidanylidene-~{N}-[3-(4-phenylpiperazin-1-yl)propyl]-6-pyridin-3-yl-3~{H}-benzimidazole-1-carboxamide
#
_entity_poly.entity_id   1
_entity_poly.type   'polypeptide(L)'
_entity_poly.pdbx_seq_one_letter_code
;MGHHHHHHSSGVDLGTENLYFQSSGRPRTTSFAESCKPVQQPSAFGSMKVSRDKDGSKVTTVVATPGQGPDRPQEVSYTD
TKVIGNGSFGVVYQAKLCDSGELVAIKKVLQDKRFKNRELQIMRKLDHCNIVRLRYFFYSSGEKKDEVYLNLVLDYVPET
VYRVARHYSRAKQTLPVIYVKLYMYQLFRSLAYIHSFGICHRDIKPQNLLLDPDTAVLKLCDFGSAKQLVRGEPNVSYIC
SRYYRAPELIFGATDYTSSIDVWSAGCVLAELLLGQPIFPGDSGVDQLVEIIKVLGTPTREQIREMNPNYTEFKFPQIKA
HPWTKVFRPRTPPEAIALCSRLLEYTPTARLTPLEACAHSFFDELRDPNVKLPNGRDTPALFNFTTQELSSNPPLATILI
PPHARIQAAASTPTNATAASDANTGDRGQTNNAASASASNST
;
_entity_poly.pdbx_strand_id   A,B
#
loop_
_chem_comp.id
_chem_comp.type
_chem_comp.name
_chem_comp.formula
A1IXN non-polymer 2-oxidanylidene-~{N}-[3-(4-phenylpiperazin-1-yl)propyl]-6-pyridin-3-yl-3~{H}-benzimidazole-1-carboxamide 'C26 H28 N6 O2'
#
# COMPACT_ATOMS: atom_id res chain seq x y z
N SER A 47 -29.75 22.17 -11.37
CA SER A 47 -29.87 23.57 -10.96
C SER A 47 -29.85 23.75 -9.44
N MET A 48 -29.11 24.78 -9.00
CA MET A 48 -29.05 25.19 -7.61
C MET A 48 -29.05 26.71 -7.54
N LYS A 49 -29.69 27.25 -6.51
CA LYS A 49 -29.85 28.69 -6.36
C LYS A 49 -29.02 29.12 -5.15
N VAL A 50 -27.97 29.89 -5.43
CA VAL A 50 -27.17 30.51 -4.38
C VAL A 50 -27.85 31.81 -3.96
N SER A 51 -27.94 32.05 -2.66
CA SER A 51 -28.46 33.32 -2.12
C SER A 51 -27.72 33.62 -0.81
N ARG A 52 -28.32 34.51 -0.02
CA ARG A 52 -27.68 34.91 1.25
C ARG A 52 -28.75 35.30 2.27
N ASP A 53 -28.33 35.64 3.48
CA ASP A 53 -29.21 36.07 4.55
C ASP A 53 -28.83 37.48 4.97
N LYS A 54 -29.45 37.98 6.05
CA LYS A 54 -29.13 39.31 6.53
C LYS A 54 -27.65 39.45 6.90
N ASP A 55 -27.06 38.41 7.46
CA ASP A 55 -25.66 38.40 7.85
C ASP A 55 -24.75 37.91 6.74
N GLY A 56 -25.21 37.98 5.48
CA GLY A 56 -24.40 37.50 4.39
C GLY A 56 -23.94 36.06 4.54
N SER A 57 -24.70 35.26 5.32
CA SER A 57 -24.23 33.95 5.72
C SER A 57 -24.08 33.00 4.55
N LYS A 58 -24.77 33.27 3.43
CA LYS A 58 -24.66 32.54 2.18
C LYS A 58 -25.32 31.17 2.28
N VAL A 59 -26.34 30.94 1.45
CA VAL A 59 -27.22 29.78 1.56
C VAL A 59 -27.42 29.18 0.17
N THR A 60 -27.18 27.88 0.05
CA THR A 60 -27.40 27.14 -1.18
C THR A 60 -28.70 26.34 -1.07
N THR A 61 -29.53 26.42 -2.10
CA THR A 61 -30.79 25.69 -2.10
C THR A 61 -30.90 24.86 -3.37
N VAL A 62 -31.11 23.56 -3.21
CA VAL A 62 -31.14 22.62 -4.32
C VAL A 62 -32.45 21.87 -4.26
N VAL A 63 -32.76 21.20 -5.35
CA VAL A 63 -33.90 20.30 -5.43
C VAL A 63 -33.33 18.90 -5.53
N ALA A 64 -33.47 18.12 -4.45
CA ALA A 64 -32.90 16.79 -4.35
C ALA A 64 -33.99 15.74 -4.19
N THR A 65 -33.66 14.50 -4.58
CA THR A 65 -34.48 13.31 -4.42
C THR A 65 -34.16 12.66 -3.09
N PRO A 66 -35.16 12.21 -2.31
CA PRO A 66 -34.84 11.55 -1.04
C PRO A 66 -34.16 10.22 -1.29
N GLY A 67 -33.18 9.91 -0.42
CA GLY A 67 -32.37 8.72 -0.65
C GLY A 67 -33.19 7.46 -0.64
N GLN A 68 -34.04 7.31 0.38
CA GLN A 68 -34.98 6.22 0.51
C GLN A 68 -36.39 6.74 0.24
N GLY A 69 -37.29 5.81 -0.06
CA GLY A 69 -38.69 6.13 -0.16
C GLY A 69 -39.08 6.59 -1.56
N PRO A 70 -40.34 7.00 -1.73
CA PRO A 70 -40.80 7.40 -3.06
C PRO A 70 -40.09 8.66 -3.52
N ASP A 71 -40.10 8.88 -4.83
CA ASP A 71 -39.36 9.99 -5.47
C ASP A 71 -40.19 11.28 -5.39
N ARG A 72 -40.13 11.95 -4.24
CA ARG A 72 -40.83 13.20 -4.00
C ARG A 72 -39.80 14.29 -3.81
N PRO A 73 -39.51 15.10 -4.83
CA PRO A 73 -38.40 16.05 -4.72
C PRO A 73 -38.56 16.95 -3.51
N GLN A 74 -37.42 17.36 -2.97
CA GLN A 74 -37.38 18.12 -1.73
C GLN A 74 -36.55 19.37 -1.95
N GLU A 75 -37.00 20.47 -1.36
CA GLU A 75 -36.23 21.70 -1.38
C GLU A 75 -35.34 21.68 -0.13
N VAL A 76 -34.04 21.53 -0.33
CA VAL A 76 -33.06 21.45 0.75
C VAL A 76 -32.19 22.69 0.69
N SER A 77 -32.06 23.39 1.82
CA SER A 77 -31.23 24.58 1.93
C SER A 77 -30.14 24.37 2.98
N TYR A 78 -28.89 24.64 2.62
CA TYR A 78 -27.78 24.41 3.53
C TYR A 78 -26.77 25.55 3.47
N THR A 79 -26.04 25.71 4.56
CA THR A 79 -25.04 26.75 4.67
C THR A 79 -23.83 26.23 5.43
N ASP A 80 -22.79 27.05 5.50
CA ASP A 80 -21.57 26.73 6.25
C ASP A 80 -20.83 25.55 5.65
N THR A 81 -20.72 25.56 4.32
CA THR A 81 -20.06 24.48 3.63
C THR A 81 -18.56 24.51 3.92
N LYS A 82 -18.01 23.42 4.45
CA LYS A 82 -16.57 23.33 4.65
C LYS A 82 -16.08 21.96 4.24
N VAL A 83 -14.87 21.89 3.69
CA VAL A 83 -14.38 20.61 3.17
C VAL A 83 -13.90 19.75 4.33
N ILE A 84 -14.19 18.45 4.23
CA ILE A 84 -13.66 17.42 5.10
C ILE A 84 -12.92 16.37 4.28
N GLY A 85 -11.90 16.80 3.53
CA GLY A 85 -11.04 15.87 2.84
C GLY A 85 -11.58 15.41 1.51
N ASN A 86 -10.73 15.43 0.48
CA ASN A 86 -11.10 14.97 -0.85
C ASN A 86 -10.35 13.65 -1.13
N GLY A 87 -9.90 13.39 -2.35
CA GLY A 87 -9.17 12.17 -2.64
C GLY A 87 -9.86 11.32 -3.67
N SER A 88 -9.19 11.08 -4.80
CA SER A 88 -9.66 10.13 -5.82
C SER A 88 -11.06 10.46 -6.33
N PHE A 89 -12.07 9.92 -5.63
CA PHE A 89 -13.48 10.03 -6.02
C PHE A 89 -13.92 11.49 -6.17
N GLY A 90 -13.58 12.33 -5.20
CA GLY A 90 -13.95 13.72 -5.20
C GLY A 90 -13.90 14.26 -3.78
N VAL A 91 -14.63 15.36 -3.56
CA VAL A 91 -14.66 16.06 -2.28
C VAL A 91 -15.78 15.52 -1.40
N VAL A 92 -15.56 15.58 -0.08
CA VAL A 92 -16.58 15.31 0.94
C VAL A 92 -16.73 16.55 1.81
N TYR A 93 -17.85 17.25 1.66
CA TYR A 93 -18.10 18.49 2.37
C TYR A 93 -18.93 18.25 3.62
N GLN A 94 -18.82 19.18 4.55
CA GLN A 94 -19.75 19.32 5.66
C GLN A 94 -20.62 20.55 5.43
N ALA A 95 -21.89 20.44 5.83
CA ALA A 95 -22.85 21.54 5.66
C ALA A 95 -23.85 21.49 6.80
N LYS A 96 -24.45 22.64 7.07
CA LYS A 96 -25.49 22.79 8.10
C LYS A 96 -26.81 23.07 7.41
N LEU A 97 -27.83 22.25 7.70
CA LEU A 97 -29.16 22.47 7.15
C LEU A 97 -29.80 23.68 7.81
N CYS A 98 -30.31 24.60 6.96
CA CYS A 98 -30.79 25.90 7.42
C CYS A 98 -31.93 25.78 8.43
N ASP A 99 -32.78 24.77 8.27
CA ASP A 99 -33.96 24.67 9.13
C ASP A 99 -33.61 24.06 10.48
N SER A 100 -33.34 22.75 10.50
CA SER A 100 -33.08 22.03 11.74
C SER A 100 -31.70 22.34 12.32
N GLY A 101 -30.81 22.99 11.57
CA GLY A 101 -29.45 23.20 12.06
C GLY A 101 -28.60 21.95 12.12
N GLU A 102 -29.13 20.80 11.69
CA GLU A 102 -28.37 19.56 11.69
C GLU A 102 -27.18 19.64 10.75
N LEU A 103 -26.08 19.05 11.18
CA LEU A 103 -24.94 18.89 10.30
C LEU A 103 -25.18 17.71 9.37
N VAL A 104 -24.67 17.82 8.15
CA VAL A 104 -24.72 16.75 7.16
C VAL A 104 -23.40 16.71 6.41
N ALA A 105 -23.19 15.63 5.68
CA ALA A 105 -22.07 15.48 4.78
C ALA A 105 -22.57 15.51 3.34
N ILE A 106 -21.78 16.07 2.43
CA ILE A 106 -22.06 16.02 1.00
C ILE A 106 -20.86 15.41 0.31
N LYS A 107 -21.07 14.35 -0.46
CA LYS A 107 -20.02 13.68 -1.23
C LYS A 107 -20.22 14.00 -2.71
N LYS A 108 -19.29 14.76 -3.28
CA LYS A 108 -19.40 15.26 -4.65
C LYS A 108 -18.42 14.48 -5.52
N VAL A 109 -18.95 13.68 -6.44
CA VAL A 109 -18.16 12.91 -7.39
C VAL A 109 -18.66 13.22 -8.79
N LEU A 110 -17.83 12.89 -9.78
CA LEU A 110 -18.14 13.19 -11.18
C LEU A 110 -18.98 12.08 -11.79
N GLN A 111 -20.15 12.43 -12.30
CA GLN A 111 -21.10 11.42 -12.77
C GLN A 111 -20.77 11.04 -14.20
N ASP A 112 -20.52 9.74 -14.40
CA ASP A 112 -20.37 9.20 -15.74
C ASP A 112 -21.72 9.18 -16.44
N LYS A 113 -21.77 9.80 -17.62
CA LYS A 113 -23.03 9.87 -18.35
C LYS A 113 -23.43 8.53 -18.97
N ARG A 114 -22.55 7.54 -19.01
CA ARG A 114 -22.92 6.22 -19.51
C ARG A 114 -23.83 5.44 -18.58
N PHE A 115 -23.30 4.98 -17.45
CA PHE A 115 -24.06 4.19 -16.50
C PHE A 115 -24.38 5.06 -15.30
N LYS A 116 -25.44 4.69 -14.57
CA LYS A 116 -25.67 5.37 -13.31
C LYS A 116 -24.60 4.94 -12.31
N ASN A 117 -24.39 5.79 -11.30
CA ASN A 117 -23.34 5.57 -10.32
C ASN A 117 -23.67 4.36 -9.44
N ARG A 118 -22.72 3.42 -9.30
CA ARG A 118 -22.99 2.18 -8.59
C ARG A 118 -23.19 2.40 -7.09
N GLU A 119 -22.44 3.34 -6.51
CA GLU A 119 -22.58 3.61 -5.09
C GLU A 119 -23.95 4.18 -4.78
N LEU A 120 -24.45 5.08 -5.63
CA LEU A 120 -25.81 5.57 -5.51
C LEU A 120 -26.81 4.42 -5.47
N GLN A 121 -26.72 3.48 -6.41
CA GLN A 121 -27.72 2.42 -6.49
C GLN A 121 -27.68 1.52 -5.26
N ILE A 122 -26.52 1.40 -4.63
CA ILE A 122 -26.44 0.56 -3.43
C ILE A 122 -26.98 1.30 -2.22
N MET A 123 -26.54 2.55 -2.03
CA MET A 123 -26.98 3.34 -0.88
C MET A 123 -28.50 3.47 -0.83
N ARG A 124 -29.17 3.47 -1.98
CA ARG A 124 -30.63 3.58 -1.97
C ARG A 124 -31.32 2.33 -1.48
N LYS A 125 -30.67 1.16 -1.56
CA LYS A 125 -31.27 -0.06 -1.04
C LYS A 125 -30.97 -0.30 0.43
N LEU A 126 -30.22 0.59 1.08
CA LEU A 126 -29.70 0.29 2.40
C LEU A 126 -30.38 1.16 3.45
N ASP A 127 -30.78 0.52 4.56
CA ASP A 127 -31.34 1.22 5.72
C ASP A 127 -31.01 0.39 6.95
N HIS A 128 -30.02 0.86 7.73
CA HIS A 128 -29.49 0.12 8.86
C HIS A 128 -28.85 1.13 9.81
N CYS A 129 -28.98 0.87 11.11
CA CYS A 129 -28.61 1.87 12.11
C CYS A 129 -27.10 2.04 12.20
N ASN A 130 -26.33 1.04 11.73
CA ASN A 130 -24.88 1.09 11.73
C ASN A 130 -24.29 1.37 10.34
N ILE A 131 -25.08 1.94 9.43
CA ILE A 131 -24.63 2.39 8.12
C ILE A 131 -25.09 3.82 7.91
N VAL A 132 -24.16 4.67 7.51
CA VAL A 132 -24.44 6.08 7.32
C VAL A 132 -25.56 6.23 6.28
N ARG A 133 -26.60 6.99 6.62
CA ARG A 133 -27.83 7.03 5.82
C ARG A 133 -27.71 8.04 4.68
N LEU A 134 -28.30 7.70 3.55
CA LEU A 134 -28.40 8.62 2.40
C LEU A 134 -29.70 9.41 2.55
N ARG A 135 -29.59 10.65 3.01
CA ARG A 135 -30.78 11.48 3.15
C ARG A 135 -31.34 11.87 1.79
N TYR A 136 -30.55 12.59 0.99
CA TYR A 136 -30.96 13.06 -0.33
C TYR A 136 -29.81 12.90 -1.31
N PHE A 137 -30.12 13.00 -2.60
CA PHE A 137 -29.08 13.16 -3.61
C PHE A 137 -29.58 14.04 -4.74
N PHE A 138 -28.65 14.76 -5.37
CA PHE A 138 -28.99 15.67 -6.46
C PHE A 138 -27.81 15.80 -7.38
N TYR A 139 -28.10 16.22 -8.60
CA TYR A 139 -27.07 16.45 -9.59
C TYR A 139 -26.80 17.95 -9.72
N SER A 140 -25.57 18.30 -10.04
CA SER A 140 -25.21 19.70 -10.24
C SER A 140 -23.99 19.76 -11.14
N SER A 141 -23.50 20.97 -11.37
CA SER A 141 -22.30 21.19 -12.15
C SER A 141 -21.49 22.27 -11.44
N GLY A 142 -20.21 21.99 -11.22
CA GLY A 142 -19.30 22.97 -10.62
C GLY A 142 -19.19 24.25 -11.43
N GLU A 143 -18.50 24.17 -12.56
CA GLU A 143 -18.36 25.32 -13.46
C GLU A 143 -18.92 24.96 -14.84
N LYS A 144 -18.25 25.42 -15.91
CA LYS A 144 -18.65 25.08 -17.28
C LYS A 144 -18.47 23.58 -17.50
N LYS A 145 -17.25 23.15 -17.82
CA LYS A 145 -16.89 21.73 -17.81
C LYS A 145 -17.71 20.88 -18.78
N ASP A 146 -19.02 21.14 -18.85
CA ASP A 146 -20.00 20.27 -19.52
C ASP A 146 -20.04 18.88 -18.87
N GLU A 147 -19.63 18.79 -17.61
CA GLU A 147 -19.64 17.57 -16.83
C GLU A 147 -20.58 17.70 -15.65
N VAL A 148 -21.28 16.61 -15.38
CA VAL A 148 -22.26 16.53 -14.32
C VAL A 148 -21.60 15.97 -13.06
N TYR A 149 -21.98 16.51 -11.91
CA TYR A 149 -21.55 16.03 -10.60
C TYR A 149 -22.72 15.42 -9.86
N LEU A 150 -22.45 14.34 -9.14
CA LEU A 150 -23.41 13.68 -8.26
C LEU A 150 -23.12 14.06 -6.81
N ASN A 151 -24.14 14.50 -6.08
CA ASN A 151 -23.99 14.95 -4.70
C ASN A 151 -24.79 14.05 -3.78
N LEU A 152 -24.11 13.32 -2.91
CA LEU A 152 -24.77 12.45 -1.95
C LEU A 152 -24.81 13.14 -0.59
N VAL A 153 -26.01 13.46 -0.12
CA VAL A 153 -26.23 14.12 1.17
C VAL A 153 -26.39 13.03 2.23
N LEU A 154 -25.37 12.81 3.04
CA LEU A 154 -25.39 11.77 4.08
C LEU A 154 -25.34 12.37 5.47
N ASP A 155 -25.62 11.51 6.46
CA ASP A 155 -25.48 11.85 7.88
C ASP A 155 -24.06 12.29 8.19
N TYR A 156 -23.93 13.26 9.09
CA TYR A 156 -22.62 13.62 9.61
C TYR A 156 -22.41 12.90 10.95
N VAL A 157 -21.18 12.43 11.15
CA VAL A 157 -20.77 11.80 12.40
C VAL A 157 -19.39 12.39 12.72
N PRO A 158 -19.18 12.87 13.95
CA PRO A 158 -18.02 13.74 14.20
C PRO A 158 -16.67 13.07 14.13
N GLU A 159 -16.57 11.75 14.28
CA GLU A 159 -15.27 11.13 14.46
C GLU A 159 -15.13 9.89 13.60
N THR A 160 -13.91 9.38 13.52
CA THR A 160 -13.64 8.12 12.85
C THR A 160 -12.79 7.25 13.75
N VAL A 161 -12.95 5.93 13.58
CA VAL A 161 -12.15 4.99 14.35
C VAL A 161 -10.66 5.30 14.18
N TYR A 162 -10.25 5.62 12.94
CA TYR A 162 -8.86 5.98 12.67
C TYR A 162 -8.36 7.08 13.59
N ARG A 163 -9.08 8.21 13.63
CA ARG A 163 -8.65 9.32 14.47
C ARG A 163 -8.67 8.94 15.95
N VAL A 164 -9.74 8.29 16.42
CA VAL A 164 -9.76 7.88 17.81
C VAL A 164 -8.59 6.95 18.13
N ALA A 165 -8.42 5.87 17.37
CA ALA A 165 -7.33 4.94 17.71
C ALA A 165 -5.95 5.60 17.62
N ARG A 166 -5.81 6.64 16.77
CA ARG A 166 -4.55 7.37 16.63
C ARG A 166 -4.27 8.26 17.85
N HIS A 167 -5.30 8.92 18.41
CA HIS A 167 -5.08 9.69 19.64
C HIS A 167 -4.54 8.80 20.75
N TYR A 168 -5.12 7.61 20.94
CA TYR A 168 -4.63 6.72 21.99
C TYR A 168 -3.23 6.22 21.70
N SER A 169 -2.94 5.92 20.42
CA SER A 169 -1.63 5.38 20.05
C SER A 169 -0.54 6.44 20.20
N ARG A 170 -0.85 7.69 19.83
CA ARG A 170 0.13 8.76 20.02
C ARG A 170 0.46 8.90 21.51
N ALA A 171 -0.54 8.76 22.38
CA ALA A 171 -0.36 8.90 23.82
C ALA A 171 -0.05 7.56 24.50
N LYS A 172 0.51 6.61 23.77
CA LYS A 172 0.99 5.33 24.29
C LYS A 172 -0.05 4.65 25.19
N GLN A 173 -1.21 4.39 24.63
CA GLN A 173 -2.24 3.63 25.33
C GLN A 173 -3.14 2.95 24.31
N THR A 174 -4.11 2.22 24.82
CA THR A 174 -5.08 1.55 23.97
C THR A 174 -6.48 1.92 24.43
N LEU A 175 -7.41 1.68 23.54
CA LEU A 175 -8.80 2.02 23.77
C LEU A 175 -9.40 1.09 24.82
N PRO A 176 -10.30 1.59 25.68
CA PRO A 176 -10.96 0.72 26.65
C PRO A 176 -11.77 -0.40 26.00
N VAL A 177 -11.54 -1.63 26.48
CA VAL A 177 -12.10 -2.80 25.83
C VAL A 177 -13.61 -2.72 25.67
N ILE A 178 -14.30 -1.99 26.55
CA ILE A 178 -15.74 -1.84 26.37
C ILE A 178 -16.05 -1.15 25.04
N TYR A 179 -15.24 -0.15 24.65
CA TYR A 179 -15.45 0.52 23.36
C TYR A 179 -15.04 -0.37 22.18
N VAL A 180 -13.98 -1.17 22.32
CA VAL A 180 -13.60 -2.11 21.28
C VAL A 180 -14.71 -3.14 21.03
N LYS A 181 -15.37 -3.60 22.10
CA LYS A 181 -16.54 -4.45 21.96
C LYS A 181 -17.67 -3.74 21.23
N LEU A 182 -18.01 -2.53 21.68
CA LEU A 182 -19.10 -1.78 21.08
C LEU A 182 -18.85 -1.47 19.60
N TYR A 183 -17.63 -1.04 19.24
CA TYR A 183 -17.37 -0.67 17.86
C TYR A 183 -17.29 -1.88 16.95
N MET A 184 -16.61 -2.93 17.41
CA MET A 184 -16.51 -4.14 16.62
C MET A 184 -17.88 -4.76 16.38
N TYR A 185 -18.71 -4.81 17.43
CA TYR A 185 -20.03 -5.42 17.30
C TYR A 185 -20.87 -4.72 16.24
N GLN A 186 -20.99 -3.39 16.34
CA GLN A 186 -21.72 -2.63 15.35
C GLN A 186 -21.11 -2.77 13.95
N LEU A 187 -19.79 -2.92 13.82
CA LEU A 187 -19.26 -3.18 12.49
C LEU A 187 -19.73 -4.53 11.98
N PHE A 188 -19.59 -5.59 12.80
CA PHE A 188 -20.08 -6.91 12.38
C PHE A 188 -21.57 -6.90 12.06
N ARG A 189 -22.36 -6.13 12.80
CA ARG A 189 -23.77 -6.02 12.44
C ARG A 189 -23.96 -5.44 11.06
N SER A 190 -23.24 -4.37 10.72
CA SER A 190 -23.41 -3.77 9.41
C SER A 190 -22.93 -4.69 8.29
N LEU A 191 -21.88 -5.48 8.55
CA LEU A 191 -21.46 -6.44 7.53
C LEU A 191 -22.51 -7.52 7.33
N ALA A 192 -23.11 -8.01 8.43
CA ALA A 192 -24.14 -9.03 8.31
C ALA A 192 -25.33 -8.54 7.50
N TYR A 193 -25.68 -7.27 7.64
CA TYR A 193 -26.78 -6.69 6.86
C TYR A 193 -26.43 -6.61 5.38
N ILE A 194 -25.32 -5.94 5.04
CA ILE A 194 -25.04 -5.78 3.62
C ILE A 194 -24.74 -7.11 2.97
N HIS A 195 -24.09 -8.04 3.68
CA HIS A 195 -23.83 -9.33 3.09
C HIS A 195 -25.11 -10.09 2.78
N SER A 196 -26.18 -9.83 3.56
CA SER A 196 -27.42 -10.56 3.30
C SER A 196 -27.96 -10.25 1.91
N PHE A 197 -27.63 -9.08 1.36
CA PHE A 197 -27.95 -8.69 -0.01
C PHE A 197 -26.92 -9.16 -1.03
N GLY A 198 -25.88 -9.88 -0.60
CA GLY A 198 -24.77 -10.23 -1.50
C GLY A 198 -23.74 -9.14 -1.72
N ILE A 199 -23.91 -7.97 -1.07
CA ILE A 199 -23.06 -6.81 -1.26
C ILE A 199 -21.84 -6.88 -0.34
N CYS A 200 -20.66 -6.77 -0.93
CA CYS A 200 -19.39 -6.73 -0.23
C CYS A 200 -18.86 -5.30 -0.19
N HIS A 201 -18.37 -4.86 0.97
CA HIS A 201 -17.91 -3.47 1.08
C HIS A 201 -16.64 -3.25 0.25
N ARG A 202 -15.65 -4.14 0.41
CA ARG A 202 -14.41 -4.17 -0.34
C ARG A 202 -13.44 -3.06 0.05
N ASP A 203 -13.74 -2.33 1.14
CA ASP A 203 -12.80 -1.33 1.64
C ASP A 203 -12.97 -1.08 3.15
N ILE A 204 -13.00 -2.14 3.96
CA ILE A 204 -13.13 -1.92 5.40
C ILE A 204 -11.78 -1.47 5.94
N LYS A 205 -11.75 -0.28 6.52
CA LYS A 205 -10.55 0.28 7.12
C LYS A 205 -11.00 1.31 8.16
N PRO A 206 -10.16 1.59 9.16
CA PRO A 206 -10.56 2.54 10.22
C PRO A 206 -11.01 3.90 9.72
N GLN A 207 -10.48 4.41 8.61
CA GLN A 207 -10.96 5.68 8.09
C GLN A 207 -12.40 5.61 7.59
N ASN A 208 -12.97 4.42 7.42
CA ASN A 208 -14.31 4.25 6.91
C ASN A 208 -15.32 3.93 8.00
N LEU A 209 -14.90 4.02 9.26
CA LEU A 209 -15.72 3.66 10.41
C LEU A 209 -15.90 4.95 11.22
N LEU A 210 -17.09 5.54 11.09
CA LEU A 210 -17.43 6.79 11.76
C LEU A 210 -17.98 6.50 13.16
N LEU A 211 -17.74 7.44 14.07
CA LEU A 211 -18.04 7.29 15.49
C LEU A 211 -18.69 8.55 16.02
N ASP A 212 -19.79 8.37 16.71
CA ASP A 212 -20.24 9.38 17.63
C ASP A 212 -19.62 9.07 18.98
N PRO A 213 -18.76 9.92 19.52
CA PRO A 213 -18.13 9.58 20.81
C PRO A 213 -19.12 9.55 21.97
N ASP A 214 -20.10 10.47 22.02
CA ASP A 214 -21.05 10.48 23.12
C ASP A 214 -21.84 9.18 23.16
N THR A 215 -22.51 8.85 22.05
CA THR A 215 -23.43 7.71 21.99
C THR A 215 -22.74 6.38 21.66
N ALA A 216 -21.44 6.38 21.38
CA ALA A 216 -20.67 5.18 21.03
C ALA A 216 -21.22 4.47 19.78
N VAL A 217 -21.95 5.20 18.97
CA VAL A 217 -22.52 4.66 17.73
C VAL A 217 -21.43 4.62 16.68
N LEU A 218 -21.43 3.56 15.90
CA LEU A 218 -20.51 3.43 14.78
C LEU A 218 -21.31 3.25 13.51
N LYS A 219 -20.89 3.91 12.45
CA LYS A 219 -21.61 3.84 11.19
C LYS A 219 -20.58 3.57 10.11
N LEU A 220 -20.84 2.55 9.31
CA LEU A 220 -20.01 2.24 8.16
C LEU A 220 -20.28 3.27 7.08
N CYS A 221 -19.17 3.69 6.48
CA CYS A 221 -19.27 4.70 5.41
C CYS A 221 -18.38 4.31 4.23
N ASP A 222 -18.53 5.02 3.12
CA ASP A 222 -17.76 4.86 1.89
C ASP A 222 -18.04 3.59 1.11
N PHE A 223 -19.08 3.61 0.28
CA PHE A 223 -19.42 2.45 -0.54
C PHE A 223 -18.98 2.61 -1.99
N GLY A 224 -18.03 3.51 -2.26
CA GLY A 224 -17.55 3.71 -3.63
C GLY A 224 -16.75 2.56 -4.22
N SER A 225 -16.51 1.48 -3.46
CA SER A 225 -15.90 0.27 -3.99
C SER A 225 -16.79 -0.94 -3.79
N ALA A 226 -17.98 -0.79 -3.22
CA ALA A 226 -18.79 -1.95 -2.90
C ALA A 226 -19.48 -2.48 -4.15
N LYS A 227 -19.75 -3.78 -4.14
CA LYS A 227 -20.29 -4.44 -5.32
C LYS A 227 -21.02 -5.68 -4.84
N GLN A 228 -22.04 -6.06 -5.59
CA GLN A 228 -22.71 -7.33 -5.39
C GLN A 228 -21.88 -8.45 -6.00
N LEU A 229 -21.46 -9.41 -5.20
CA LEU A 229 -20.64 -10.50 -5.71
C LEU A 229 -21.53 -11.66 -6.14
N VAL A 230 -21.49 -12.00 -7.42
CA VAL A 230 -22.27 -13.12 -7.94
C VAL A 230 -21.33 -14.27 -8.23
N ARG A 231 -21.71 -15.48 -7.78
CA ARG A 231 -20.84 -16.63 -7.93
C ARG A 231 -20.62 -16.93 -9.41
N GLY A 232 -19.38 -17.25 -9.77
CA GLY A 232 -19.01 -17.40 -11.15
C GLY A 232 -18.72 -16.10 -11.87
N GLU A 233 -18.93 -14.94 -11.22
CA GLU A 233 -18.40 -13.81 -11.98
C GLU A 233 -17.09 -13.33 -11.37
N PRO A 234 -16.15 -12.85 -12.20
CA PRO A 234 -14.86 -12.39 -11.66
C PRO A 234 -14.91 -10.95 -11.20
N ASN A 235 -14.07 -10.65 -10.19
CA ASN A 235 -13.98 -9.32 -9.60
C ASN A 235 -12.51 -8.89 -9.50
N VAL A 236 -12.28 -7.60 -9.64
CA VAL A 236 -10.92 -7.06 -9.61
C VAL A 236 -10.28 -7.32 -8.25
N SER A 237 -8.97 -7.59 -8.26
CA SER A 237 -8.28 -7.92 -7.02
C SER A 237 -7.53 -6.74 -6.40
N TYR A 238 -7.60 -5.57 -7.02
CA TYR A 238 -6.86 -4.41 -6.56
C TYR A 238 -7.72 -3.46 -5.74
N ILE A 239 -8.81 -3.97 -5.18
CA ILE A 239 -9.64 -3.21 -4.27
C ILE A 239 -9.08 -3.41 -2.87
N CYS A 240 -9.58 -2.61 -1.93
CA CYS A 240 -9.25 -2.71 -0.52
C CYS A 240 -7.90 -2.05 -0.28
N SER A 241 -7.77 -1.38 0.85
CA SER A 241 -6.56 -0.68 1.21
C SER A 241 -5.53 -1.65 1.77
N ARG A 242 -4.26 -1.36 1.49
CA ARG A 242 -3.11 -2.03 2.11
C ARG A 242 -3.28 -2.06 3.63
N TYR A 243 -2.64 -3.06 4.25
CA TYR A 243 -2.78 -3.40 5.66
C TYR A 243 -4.05 -4.20 5.96
N TYR A 244 -5.11 -4.04 5.17
CA TYR A 244 -6.39 -4.72 5.44
C TYR A 244 -6.80 -5.69 4.35
N ARG A 245 -6.01 -5.86 3.31
CA ARG A 245 -6.34 -6.80 2.24
C ARG A 245 -6.19 -8.24 2.71
N ALA A 246 -7.20 -9.05 2.38
CA ALA A 246 -7.15 -10.49 2.65
C ALA A 246 -6.06 -11.16 1.79
N PRO A 247 -5.52 -12.29 2.25
CA PRO A 247 -4.44 -12.96 1.49
C PRO A 247 -4.83 -13.32 0.08
N GLU A 248 -6.08 -13.75 -0.16
CA GLU A 248 -6.49 -14.04 -1.52
C GLU A 248 -6.46 -12.80 -2.40
N LEU A 249 -6.59 -11.61 -1.81
CA LEU A 249 -6.46 -10.42 -2.63
C LEU A 249 -5.01 -10.19 -3.03
N ILE A 250 -4.08 -10.36 -2.08
CA ILE A 250 -2.66 -10.19 -2.36
C ILE A 250 -2.23 -11.16 -3.45
N PHE A 251 -2.68 -12.42 -3.37
CA PHE A 251 -2.47 -13.42 -4.40
C PHE A 251 -3.33 -13.22 -5.64
N GLY A 252 -3.94 -12.05 -5.82
CA GLY A 252 -4.59 -11.70 -7.07
C GLY A 252 -5.81 -12.51 -7.45
N ALA A 253 -6.44 -13.23 -6.52
CA ALA A 253 -7.61 -14.05 -6.82
C ALA A 253 -8.79 -13.19 -7.26
N THR A 254 -9.59 -13.69 -8.23
CA THR A 254 -10.74 -12.94 -8.73
C THR A 254 -12.08 -13.62 -8.45
N ASP A 255 -12.08 -14.73 -7.71
CA ASP A 255 -13.27 -15.48 -7.32
C ASP A 255 -13.54 -15.36 -5.82
N TYR A 256 -13.09 -14.26 -5.24
CA TYR A 256 -13.15 -14.09 -3.80
C TYR A 256 -14.60 -13.79 -3.37
N THR A 257 -14.95 -14.21 -2.15
CA THR A 257 -16.29 -13.99 -1.65
C THR A 257 -16.32 -12.82 -0.65
N SER A 258 -17.48 -12.59 -0.02
CA SER A 258 -17.62 -11.57 1.01
C SER A 258 -16.73 -11.81 2.23
N SER A 259 -16.05 -12.95 2.31
CA SER A 259 -15.25 -13.14 3.52
C SER A 259 -13.99 -12.29 3.51
N ILE A 260 -13.75 -11.49 2.46
CA ILE A 260 -12.66 -10.52 2.54
C ILE A 260 -12.99 -9.44 3.56
N ASP A 261 -14.25 -8.95 3.62
CA ASP A 261 -14.63 -7.98 4.64
C ASP A 261 -14.38 -8.53 6.03
N VAL A 262 -14.65 -9.82 6.24
CA VAL A 262 -14.42 -10.37 7.57
C VAL A 262 -12.93 -10.35 7.91
N TRP A 263 -12.07 -10.67 6.94
CA TRP A 263 -10.63 -10.51 7.13
C TRP A 263 -10.29 -9.09 7.58
N SER A 264 -10.62 -8.10 6.73
CA SER A 264 -10.47 -6.69 7.08
C SER A 264 -10.93 -6.39 8.51
N ALA A 265 -12.17 -6.74 8.86
CA ALA A 265 -12.65 -6.47 10.21
C ALA A 265 -11.74 -7.09 11.27
N GLY A 266 -11.36 -8.36 11.07
CA GLY A 266 -10.34 -8.97 11.93
C GLY A 266 -9.06 -8.15 12.04
N CYS A 267 -8.67 -7.46 10.97
CA CYS A 267 -7.49 -6.58 11.03
C CYS A 267 -7.77 -5.28 11.77
N VAL A 268 -8.99 -4.77 11.68
CA VAL A 268 -9.33 -3.61 12.49
C VAL A 268 -9.31 -3.96 13.97
N LEU A 269 -9.89 -5.11 14.35
CA LEU A 269 -9.90 -5.52 15.74
C LEU A 269 -8.49 -5.67 16.30
N ALA A 270 -7.62 -6.40 15.60
CA ALA A 270 -6.26 -6.60 16.08
C ALA A 270 -5.52 -5.26 16.21
N GLU A 271 -5.86 -4.28 15.37
CA GLU A 271 -5.16 -3.00 15.45
C GLU A 271 -5.64 -2.19 16.65
N LEU A 272 -6.94 -2.24 16.94
CA LEU A 272 -7.43 -1.65 18.19
C LEU A 272 -6.77 -2.29 19.40
N LEU A 273 -6.48 -3.60 19.34
CA LEU A 273 -5.89 -4.27 20.48
C LEU A 273 -4.38 -4.05 20.57
N LEU A 274 -3.69 -4.03 19.43
CA LEU A 274 -2.25 -3.82 19.40
C LEU A 274 -1.84 -2.36 19.48
N GLY A 275 -2.69 -1.43 19.06
CA GLY A 275 -2.31 -0.04 18.97
C GLY A 275 -1.55 0.29 17.71
N GLN A 276 -1.32 -0.68 16.83
CA GLN A 276 -0.72 -0.45 15.54
C GLN A 276 -1.21 -1.54 14.60
N PRO A 277 -1.13 -1.31 13.29
CA PRO A 277 -1.54 -2.34 12.33
C PRO A 277 -0.83 -3.66 12.54
N ILE A 278 -1.60 -4.75 12.52
CA ILE A 278 -1.01 -6.06 12.72
C ILE A 278 -0.21 -6.55 11.50
N PHE A 279 -0.60 -6.19 10.27
CA PHE A 279 0.06 -6.71 9.06
C PHE A 279 0.54 -5.59 8.15
N PRO A 280 1.45 -4.74 8.62
CA PRO A 280 1.93 -3.63 7.80
C PRO A 280 2.90 -4.10 6.73
N GLY A 281 3.16 -3.23 5.78
CA GLY A 281 4.09 -3.55 4.71
C GLY A 281 3.91 -2.65 3.53
N ASP A 282 5.01 -2.26 2.87
CA ASP A 282 4.88 -1.37 1.73
C ASP A 282 4.67 -2.11 0.43
N SER A 283 4.66 -3.44 0.44
CA SER A 283 4.44 -4.23 -0.75
C SER A 283 3.72 -5.52 -0.36
N GLY A 284 3.09 -6.13 -1.36
CA GLY A 284 2.48 -7.45 -1.13
C GLY A 284 3.39 -8.37 -0.35
N VAL A 285 4.64 -8.50 -0.79
CA VAL A 285 5.56 -9.45 -0.17
C VAL A 285 5.74 -9.13 1.32
N ASP A 286 5.85 -7.84 1.65
CA ASP A 286 6.07 -7.49 3.04
C ASP A 286 4.87 -7.87 3.91
N GLN A 287 3.65 -7.62 3.42
CA GLN A 287 2.46 -7.96 4.19
C GLN A 287 2.34 -9.47 4.38
N LEU A 288 2.61 -10.24 3.32
CA LEU A 288 2.63 -11.70 3.43
C LEU A 288 3.59 -12.17 4.51
N VAL A 289 4.78 -11.57 4.58
CA VAL A 289 5.74 -11.97 5.61
C VAL A 289 5.16 -11.75 7.00
N GLU A 290 4.46 -10.64 7.20
CA GLU A 290 3.92 -10.33 8.51
C GLU A 290 2.72 -11.22 8.86
N ILE A 291 2.01 -11.72 7.84
CA ILE A 291 0.95 -12.70 8.04
C ILE A 291 1.53 -14.07 8.38
N ILE A 292 2.53 -14.52 7.60
CA ILE A 292 3.22 -15.77 7.90
C ILE A 292 3.74 -15.76 9.33
N LYS A 293 4.32 -14.63 9.76
CA LYS A 293 4.86 -14.55 11.11
C LYS A 293 3.81 -14.88 12.16
N VAL A 294 2.56 -14.48 11.92
CA VAL A 294 1.50 -14.72 12.88
C VAL A 294 0.77 -16.03 12.60
N LEU A 295 0.31 -16.22 11.37
CA LEU A 295 -0.53 -17.37 11.07
C LEU A 295 0.26 -18.63 10.80
N GLY A 296 1.57 -18.55 10.63
CA GLY A 296 2.35 -19.68 10.17
C GLY A 296 2.31 -19.82 8.66
N THR A 297 3.15 -20.72 8.17
CA THR A 297 3.19 -20.97 6.73
C THR A 297 1.90 -21.64 6.29
N PRO A 298 1.27 -21.20 5.19
CA PRO A 298 0.04 -21.83 4.73
C PRO A 298 0.31 -23.14 4.01
N THR A 299 -0.49 -24.16 4.33
CA THR A 299 -0.34 -25.46 3.71
C THR A 299 -0.68 -25.39 2.22
N ARG A 300 -0.27 -26.41 1.47
CA ARG A 300 -0.59 -26.46 0.05
C ARG A 300 -2.10 -26.42 -0.15
N GLU A 301 -2.84 -27.03 0.78
CA GLU A 301 -4.30 -26.98 0.77
C GLU A 301 -4.82 -25.57 1.00
N GLN A 302 -4.30 -24.89 2.03
CA GLN A 302 -4.71 -23.51 2.31
C GLN A 302 -4.39 -22.59 1.15
N ILE A 303 -3.26 -22.82 0.45
CA ILE A 303 -2.90 -22.00 -0.70
C ILE A 303 -3.92 -22.20 -1.82
N ARG A 304 -4.41 -23.42 -2.00
CA ARG A 304 -5.37 -23.68 -3.07
C ARG A 304 -6.70 -22.97 -2.79
N GLU A 305 -7.14 -22.96 -1.52
CA GLU A 305 -8.39 -22.31 -1.16
C GLU A 305 -8.38 -20.81 -1.42
N MET A 306 -7.24 -20.15 -1.16
CA MET A 306 -7.04 -18.74 -1.45
C MET A 306 -6.99 -18.48 -2.95
N ASN A 307 -5.83 -18.63 -3.56
CA ASN A 307 -5.73 -18.44 -5.01
C ASN A 307 -5.48 -19.78 -5.67
N PRO A 308 -6.50 -20.43 -6.23
CA PRO A 308 -6.28 -21.71 -6.92
C PRO A 308 -5.28 -21.62 -8.08
N ASN A 309 -5.02 -20.40 -8.61
CA ASN A 309 -4.05 -20.25 -9.69
C ASN A 309 -2.63 -20.60 -9.25
N TYR A 310 -2.36 -20.50 -7.94
CA TYR A 310 -1.03 -20.78 -7.38
C TYR A 310 0.02 -19.89 -8.05
N THR A 311 0.25 -18.69 -7.49
CA THR A 311 1.03 -17.64 -8.17
C THR A 311 2.49 -18.06 -8.40
N GLU A 312 2.87 -19.25 -7.92
CA GLU A 312 4.17 -19.86 -8.13
C GLU A 312 5.25 -19.15 -7.31
N PHE A 313 5.10 -19.19 -5.98
CA PHE A 313 6.06 -18.59 -5.06
C PHE A 313 6.26 -19.54 -3.89
N LYS A 314 7.48 -19.49 -3.34
CA LYS A 314 7.90 -20.32 -2.23
C LYS A 314 8.25 -19.39 -1.08
N PHE A 315 7.66 -19.67 0.08
CA PHE A 315 7.80 -18.83 1.27
C PHE A 315 8.71 -19.51 2.28
N PRO A 316 9.32 -18.73 3.18
CA PRO A 316 10.08 -19.34 4.27
C PRO A 316 9.15 -20.02 5.27
N GLN A 317 9.60 -21.17 5.78
CA GLN A 317 8.77 -22.01 6.64
C GLN A 317 8.93 -21.55 8.09
N ILE A 318 7.88 -20.91 8.61
CA ILE A 318 7.86 -20.42 9.99
C ILE A 318 6.68 -21.05 10.70
N LYS A 319 6.90 -21.48 11.93
CA LYS A 319 5.84 -22.06 12.75
C LYS A 319 4.81 -21.00 13.13
N ALA A 320 3.70 -21.45 13.69
CA ALA A 320 2.60 -20.56 14.06
C ALA A 320 2.96 -19.81 15.35
N HIS A 321 3.05 -18.49 15.27
CA HIS A 321 3.16 -17.66 16.46
C HIS A 321 1.93 -17.85 17.35
N PRO A 322 2.07 -18.47 18.55
CA PRO A 322 0.90 -18.56 19.46
C PRO A 322 0.32 -17.18 19.73
N TRP A 323 -0.83 -16.91 19.12
CA TRP A 323 -1.54 -15.65 19.21
C TRP A 323 -1.45 -14.94 20.57
N THR A 324 -1.40 -15.71 21.67
CA THR A 324 -1.32 -15.07 22.98
C THR A 324 -0.04 -14.26 23.14
N LYS A 325 1.01 -14.59 22.39
CA LYS A 325 2.27 -13.84 22.37
C LYS A 325 2.27 -12.64 21.40
N VAL A 326 1.16 -12.40 20.70
CA VAL A 326 1.12 -11.27 19.79
C VAL A 326 0.68 -10.01 20.52
N PHE A 327 -0.19 -10.15 21.54
CA PHE A 327 -0.83 -9.02 22.20
C PHE A 327 -0.21 -8.77 23.57
N ARG A 328 -0.59 -7.62 24.14
CA ARG A 328 -0.26 -7.25 25.51
C ARG A 328 -0.66 -8.36 26.50
N PRO A 329 -0.04 -8.38 27.69
CA PRO A 329 -0.34 -9.47 28.65
C PRO A 329 -1.78 -9.51 29.12
N ARG A 330 -2.40 -8.34 29.37
CA ARG A 330 -3.75 -8.27 29.91
C ARG A 330 -4.82 -8.27 28.81
N THR A 331 -4.44 -8.58 27.58
CA THR A 331 -5.40 -8.66 26.49
C THR A 331 -6.40 -9.76 26.77
N PRO A 332 -7.70 -9.49 26.69
CA PRO A 332 -8.73 -10.51 27.03
C PRO A 332 -8.59 -11.73 26.15
N PRO A 333 -8.49 -12.93 26.73
CA PRO A 333 -8.39 -14.12 25.88
C PRO A 333 -9.50 -14.23 24.83
N GLU A 334 -10.73 -13.80 25.16
CA GLU A 334 -11.83 -13.91 24.19
C GLU A 334 -11.59 -13.04 22.95
N ALA A 335 -10.90 -11.90 23.10
CA ALA A 335 -10.52 -11.11 21.94
C ALA A 335 -9.52 -11.87 21.06
N ILE A 336 -8.49 -12.46 21.68
CA ILE A 336 -7.51 -13.23 20.92
C ILE A 336 -8.18 -14.40 20.22
N ALA A 337 -9.18 -15.02 20.89
CA ALA A 337 -9.95 -16.09 20.26
C ALA A 337 -10.69 -15.60 19.02
N LEU A 338 -11.39 -14.46 19.13
CA LEU A 338 -12.11 -13.92 18.00
C LEU A 338 -11.19 -13.61 16.82
N CYS A 339 -10.04 -12.96 17.06
CA CYS A 339 -9.14 -12.68 15.95
C CYS A 339 -8.75 -13.96 15.23
N SER A 340 -8.30 -14.97 15.97
CA SER A 340 -7.82 -16.19 15.32
C SER A 340 -8.88 -16.80 14.42
N ARG A 341 -10.16 -16.58 14.72
CA ARG A 341 -11.26 -17.12 13.94
C ARG A 341 -11.65 -16.23 12.76
N LEU A 342 -11.16 -14.99 12.73
CA LEU A 342 -11.38 -14.02 11.65
C LEU A 342 -10.20 -13.99 10.68
N LEU A 343 -8.98 -14.02 11.20
CA LEU A 343 -7.74 -14.03 10.41
C LEU A 343 -7.36 -15.48 10.17
N GLU A 344 -8.06 -16.10 9.22
CA GLU A 344 -7.77 -17.44 8.75
C GLU A 344 -7.37 -17.37 7.28
N TYR A 345 -6.43 -18.24 6.88
CA TYR A 345 -6.09 -18.36 5.48
C TYR A 345 -7.30 -18.79 4.65
N THR A 346 -7.90 -19.92 5.00
CA THR A 346 -8.99 -20.46 4.22
C THR A 346 -10.20 -19.52 4.32
N PRO A 347 -10.65 -18.93 3.21
CA PRO A 347 -11.72 -17.94 3.31
C PRO A 347 -13.00 -18.49 3.93
N THR A 348 -13.39 -19.72 3.58
CA THR A 348 -14.60 -20.34 4.11
C THR A 348 -14.52 -20.71 5.60
N ALA A 349 -13.31 -20.79 6.17
CA ALA A 349 -13.17 -21.10 7.58
C ALA A 349 -13.35 -19.88 8.49
N ARG A 350 -13.42 -18.68 7.91
CA ARG A 350 -13.59 -17.50 8.73
C ARG A 350 -15.04 -17.42 9.21
N LEU A 351 -15.24 -16.93 10.42
CA LEU A 351 -16.61 -16.69 10.87
C LEU A 351 -17.34 -15.77 9.90
N THR A 352 -18.64 -15.91 9.88
CA THR A 352 -19.49 -14.96 9.20
C THR A 352 -19.73 -13.78 10.13
N PRO A 353 -20.11 -12.62 9.60
CA PRO A 353 -20.39 -11.47 10.47
C PRO A 353 -21.39 -11.79 11.57
N LEU A 354 -22.49 -12.46 11.23
CA LEU A 354 -23.50 -12.78 12.22
C LEU A 354 -22.96 -13.71 13.30
N GLU A 355 -22.17 -14.72 12.90
CA GLU A 355 -21.50 -15.59 13.88
C GLU A 355 -20.48 -14.85 14.72
N ALA A 356 -19.92 -13.75 14.22
CA ALA A 356 -18.99 -12.98 15.05
C ALA A 356 -19.72 -12.28 16.19
N CYS A 357 -20.83 -11.58 15.88
CA CYS A 357 -21.60 -10.93 16.94
C CYS A 357 -21.92 -11.90 18.09
N ALA A 358 -22.21 -13.16 17.76
CA ALA A 358 -22.59 -14.15 18.75
C ALA A 358 -21.41 -14.70 19.52
N HIS A 359 -20.20 -14.20 19.27
CA HIS A 359 -19.01 -14.72 19.91
C HIS A 359 -18.97 -14.28 21.36
N SER A 360 -18.34 -15.10 22.21
CA SER A 360 -18.29 -14.82 23.64
C SER A 360 -17.60 -13.49 23.95
N PHE A 361 -16.75 -12.98 23.05
CA PHE A 361 -16.11 -11.68 23.28
C PHE A 361 -17.13 -10.56 23.42
N PHE A 362 -18.34 -10.75 22.89
CA PHE A 362 -19.37 -9.72 23.00
C PHE A 362 -20.39 -10.04 24.08
N ASP A 363 -20.08 -10.97 24.99
CA ASP A 363 -21.07 -11.34 26.00
C ASP A 363 -21.39 -10.16 26.91
N GLU A 364 -20.38 -9.39 27.34
CA GLU A 364 -20.62 -8.19 28.14
C GLU A 364 -21.65 -7.27 27.50
N LEU A 365 -21.70 -7.20 26.18
CA LEU A 365 -22.70 -6.32 25.57
C LEU A 365 -24.10 -6.85 25.81
N ARG A 366 -24.24 -8.14 26.04
CA ARG A 366 -25.54 -8.74 26.23
C ARG A 366 -25.97 -8.73 27.69
N ASP A 367 -25.09 -8.32 28.60
CA ASP A 367 -25.45 -8.18 30.00
C ASP A 367 -26.50 -7.07 30.19
N PRO A 368 -27.54 -7.32 31.00
CA PRO A 368 -28.63 -6.33 31.16
C PRO A 368 -28.20 -5.01 31.79
N ASN A 369 -27.09 -5.02 32.53
CA ASN A 369 -26.64 -3.86 33.28
C ASN A 369 -25.52 -3.11 32.58
N VAL A 370 -25.14 -3.54 31.37
CA VAL A 370 -24.02 -2.90 30.68
C VAL A 370 -24.32 -1.42 30.42
N LYS A 371 -23.36 -0.55 30.72
CA LYS A 371 -23.51 0.88 30.51
C LYS A 371 -22.22 1.43 29.92
N LEU A 372 -22.34 2.55 29.18
CA LEU A 372 -21.15 3.29 28.76
C LEU A 372 -20.45 3.86 29.99
N PRO A 373 -19.13 4.04 29.91
CA PRO A 373 -18.41 4.65 31.04
C PRO A 373 -19.01 5.97 31.52
N ASN A 374 -19.34 6.90 30.61
CA ASN A 374 -20.02 8.15 30.95
C ASN A 374 -21.41 7.96 31.52
N GLY A 375 -21.89 6.73 31.71
CA GLY A 375 -23.16 6.50 32.38
C GLY A 375 -24.39 6.35 31.48
N ARG A 376 -24.31 6.75 30.22
CA ARG A 376 -25.45 6.59 29.31
C ARG A 376 -25.67 5.11 28.96
N ASP A 377 -26.84 4.83 28.42
CA ASP A 377 -27.14 3.51 27.89
C ASP A 377 -26.37 3.24 26.62
N THR A 378 -26.11 1.96 26.37
CA THR A 378 -25.51 1.57 25.10
C THR A 378 -26.48 1.87 23.95
N PRO A 379 -25.96 1.99 22.74
CA PRO A 379 -26.82 2.13 21.56
C PRO A 379 -27.57 0.84 21.26
N ALA A 380 -28.55 0.95 20.37
CA ALA A 380 -29.35 -0.20 19.95
C ALA A 380 -28.46 -1.32 19.43
N LEU A 381 -28.52 -2.46 20.09
CA LEU A 381 -27.66 -3.58 19.77
C LEU A 381 -28.39 -4.85 19.38
N PHE A 382 -29.69 -4.94 19.67
CA PHE A 382 -30.42 -6.20 19.60
C PHE A 382 -31.65 -6.13 18.73
N ASN A 383 -31.91 -5.00 18.09
CA ASN A 383 -33.09 -4.86 17.24
C ASN A 383 -32.85 -5.45 15.84
N PHE A 384 -32.58 -6.74 15.81
CA PHE A 384 -32.30 -7.41 14.54
C PHE A 384 -33.56 -7.55 13.69
N THR A 385 -33.40 -7.38 12.38
CA THR A 385 -34.49 -7.63 11.43
C THR A 385 -34.40 -9.05 10.88
N THR A 386 -35.44 -9.46 10.16
CA THR A 386 -35.42 -10.78 9.54
C THR A 386 -34.34 -10.85 8.47
N GLN A 387 -34.14 -9.73 7.76
CA GLN A 387 -33.10 -9.62 6.74
C GLN A 387 -31.72 -9.86 7.33
N GLU A 388 -31.37 -9.15 8.41
CA GLU A 388 -30.07 -9.31 9.06
C GLU A 388 -29.83 -10.76 9.47
N LEU A 389 -30.85 -11.43 9.99
CA LEU A 389 -30.66 -12.76 10.55
C LEU A 389 -30.76 -13.84 9.49
N SER A 390 -31.08 -13.48 8.24
CA SER A 390 -31.36 -14.49 7.21
C SER A 390 -30.21 -15.46 7.00
N SER A 391 -28.97 -15.08 7.33
CA SER A 391 -27.88 -16.00 7.05
C SER A 391 -27.92 -17.21 7.99
N ASN A 392 -28.57 -17.07 9.15
CA ASN A 392 -28.55 -18.11 10.17
C ASN A 392 -29.55 -17.76 11.28
N PRO A 393 -30.85 -17.94 11.04
CA PRO A 393 -31.86 -17.42 11.98
C PRO A 393 -31.75 -18.03 13.37
N PRO A 394 -31.36 -19.30 13.53
CA PRO A 394 -31.17 -19.84 14.89
C PRO A 394 -30.19 -19.03 15.76
N LEU A 395 -29.34 -18.17 15.19
CA LEU A 395 -28.40 -17.45 16.05
C LEU A 395 -29.10 -16.41 16.93
N ALA A 396 -30.37 -16.08 16.66
CA ALA A 396 -31.09 -15.13 17.50
C ALA A 396 -31.32 -15.66 18.91
N THR A 397 -31.18 -16.97 19.15
CA THR A 397 -31.22 -17.46 20.51
C THR A 397 -30.05 -16.91 21.33
N ILE A 398 -28.91 -16.66 20.69
CA ILE A 398 -27.80 -15.98 21.35
C ILE A 398 -27.83 -14.48 21.10
N LEU A 399 -28.22 -14.05 19.90
CA LEU A 399 -27.99 -12.65 19.58
C LEU A 399 -28.93 -11.76 20.39
N ILE A 400 -30.17 -12.20 20.60
CA ILE A 400 -31.16 -11.43 21.36
C ILE A 400 -31.15 -11.95 22.80
N PRO A 401 -30.61 -11.20 23.75
CA PRO A 401 -30.51 -11.68 25.13
C PRO A 401 -31.88 -11.70 25.78
N PRO A 402 -32.11 -12.56 26.79
CA PRO A 402 -33.45 -12.61 27.39
C PRO A 402 -34.01 -11.26 27.79
N HIS A 403 -33.24 -10.42 28.49
CA HIS A 403 -33.81 -9.14 28.93
C HIS A 403 -34.30 -8.26 27.78
N ALA A 404 -33.89 -8.53 26.54
CA ALA A 404 -34.32 -7.77 25.38
C ALA A 404 -35.65 -8.23 24.80
N ARG A 405 -36.09 -9.45 25.12
CA ARG A 405 -37.38 -9.98 24.71
C ARG A 405 -38.44 -9.88 25.83
N ILE A 406 -38.23 -9.02 26.83
CA ILE A 406 -39.20 -8.87 27.90
C ILE A 406 -40.33 -7.97 27.43
N GLN A 407 -41.57 -8.43 27.64
CA GLN A 407 -42.76 -7.73 27.20
C GLN A 407 -42.96 -6.45 28.01
N SER B 47 30.47 -20.64 12.52
CA SER B 47 31.12 -20.30 13.78
C SER B 47 31.71 -18.89 13.72
N MET B 48 31.48 -18.12 14.79
CA MET B 48 32.07 -16.79 14.93
C MET B 48 32.67 -16.67 16.32
N LYS B 49 33.87 -16.08 16.38
CA LYS B 49 34.66 -15.99 17.60
C LYS B 49 34.56 -14.55 18.14
N VAL B 50 33.70 -14.35 19.12
CA VAL B 50 33.59 -13.07 19.81
C VAL B 50 34.81 -12.90 20.72
N SER B 51 35.44 -11.74 20.64
CA SER B 51 36.57 -11.42 21.50
C SER B 51 36.56 -9.90 21.73
N ARG B 52 37.71 -9.34 22.13
CA ARG B 52 37.86 -7.91 22.37
C ARG B 52 39.22 -7.45 21.89
N ASP B 53 39.37 -6.13 21.79
CA ASP B 53 40.71 -5.53 21.63
C ASP B 53 41.27 -5.32 23.04
N LYS B 54 42.14 -4.32 23.21
CA LYS B 54 42.77 -4.06 24.49
C LYS B 54 42.38 -2.68 25.03
N ASP B 55 41.47 -1.97 24.35
CA ASP B 55 40.89 -0.73 24.84
C ASP B 55 39.42 -0.87 25.23
N GLY B 56 38.92 -2.10 25.25
CA GLY B 56 37.52 -2.31 25.55
C GLY B 56 36.58 -1.92 24.42
N SER B 57 36.59 -2.71 23.35
CA SER B 57 35.91 -2.33 22.12
C SER B 57 34.99 -3.44 21.59
N LYS B 58 35.36 -4.71 21.82
CA LYS B 58 34.60 -5.88 21.39
C LYS B 58 34.76 -6.10 19.88
N VAL B 59 35.24 -7.28 19.46
CA VAL B 59 35.58 -7.56 18.07
C VAL B 59 35.05 -8.93 17.68
N THR B 60 34.45 -9.01 16.49
CA THR B 60 33.91 -10.26 15.95
C THR B 60 34.74 -10.70 14.75
N THR B 61 35.05 -12.00 14.70
CA THR B 61 35.86 -12.55 13.64
C THR B 61 35.21 -13.80 13.06
N VAL B 62 34.96 -13.78 11.76
CA VAL B 62 34.30 -14.89 11.06
C VAL B 62 35.17 -15.34 9.88
N VAL B 63 34.85 -16.53 9.37
CA VAL B 63 35.45 -17.10 8.17
C VAL B 63 34.42 -16.96 7.05
N ALA B 64 34.62 -15.99 6.15
CA ALA B 64 33.62 -15.66 5.15
C ALA B 64 34.13 -15.91 3.73
N THR B 65 33.21 -16.18 2.86
CA THR B 65 33.47 -16.42 1.45
C THR B 65 33.41 -15.12 0.69
N PRO B 66 34.45 -14.73 -0.04
CA PRO B 66 34.34 -13.55 -0.90
C PRO B 66 33.15 -13.67 -1.83
N GLY B 67 32.59 -12.53 -2.19
CA GLY B 67 31.35 -12.53 -2.91
C GLY B 67 31.55 -12.90 -4.36
N GLN B 68 32.44 -12.16 -5.02
CA GLN B 68 32.63 -12.28 -6.45
C GLN B 68 34.02 -12.89 -6.69
N GLY B 69 34.10 -14.20 -6.59
CA GLY B 69 35.32 -14.92 -6.85
C GLY B 69 35.09 -16.42 -6.67
N PRO B 70 36.18 -17.19 -6.68
CA PRO B 70 36.08 -18.62 -6.37
C PRO B 70 35.92 -18.82 -4.87
N ASP B 71 35.19 -19.86 -4.47
CA ASP B 71 34.92 -20.00 -3.02
C ASP B 71 36.17 -20.28 -2.21
N ARG B 72 36.72 -19.26 -1.59
CA ARG B 72 38.03 -19.34 -0.94
C ARG B 72 37.97 -18.46 0.30
N PRO B 73 37.52 -19.01 1.41
CA PRO B 73 37.16 -18.17 2.53
C PRO B 73 38.36 -17.56 3.24
N GLN B 74 38.17 -16.34 3.76
CA GLN B 74 39.18 -15.59 4.47
C GLN B 74 38.69 -15.37 5.89
N GLU B 75 39.59 -14.87 6.72
CA GLU B 75 39.30 -14.47 8.08
C GLU B 75 39.06 -12.96 8.07
N VAL B 76 37.82 -12.55 8.30
CA VAL B 76 37.43 -11.16 8.38
C VAL B 76 37.11 -10.85 9.84
N SER B 77 37.55 -9.68 10.32
CA SER B 77 37.16 -9.18 11.64
C SER B 77 36.47 -7.82 11.50
N TYR B 78 35.50 -7.56 12.36
CA TYR B 78 34.85 -6.26 12.35
C TYR B 78 34.43 -5.87 13.76
N THR B 79 34.14 -4.58 13.93
CA THR B 79 33.75 -4.03 15.22
C THR B 79 32.81 -2.85 15.00
N ASP B 80 32.16 -2.42 16.09
CA ASP B 80 31.28 -1.26 16.11
C ASP B 80 29.95 -1.55 15.40
N THR B 81 29.30 -2.61 15.85
CA THR B 81 28.10 -3.08 15.20
C THR B 81 26.90 -2.24 15.64
N LYS B 82 26.22 -1.64 14.66
CA LYS B 82 25.07 -0.79 14.90
C LYS B 82 23.91 -1.25 14.03
N VAL B 83 22.74 -1.40 14.62
CA VAL B 83 21.56 -1.66 13.82
C VAL B 83 21.22 -0.39 13.05
N ILE B 84 21.00 -0.52 11.75
CA ILE B 84 20.45 0.57 10.95
C ILE B 84 19.19 0.09 10.22
N GLY B 85 18.28 -0.54 10.94
CA GLY B 85 16.97 -0.79 10.39
C GLY B 85 16.75 -2.25 10.07
N ASN B 86 15.52 -2.73 10.28
CA ASN B 86 15.20 -4.10 9.94
C ASN B 86 13.95 -4.15 9.08
N GLY B 87 13.02 -5.04 9.38
CA GLY B 87 11.80 -5.11 8.59
C GLY B 87 11.74 -6.34 7.69
N SER B 88 10.72 -7.15 7.87
CA SER B 88 10.48 -8.29 7.00
C SER B 88 11.67 -9.24 6.91
N PHE B 89 12.58 -9.00 5.95
CA PHE B 89 13.70 -9.91 5.71
C PHE B 89 14.51 -10.18 6.97
N GLY B 90 14.85 -9.14 7.70
CA GLY B 90 15.67 -9.27 8.89
C GLY B 90 16.40 -7.95 9.14
N VAL B 91 17.41 -8.03 9.99
CA VAL B 91 18.14 -6.85 10.44
C VAL B 91 19.21 -6.47 9.43
N VAL B 92 19.63 -5.20 9.44
CA VAL B 92 20.71 -4.72 8.59
C VAL B 92 21.65 -3.90 9.44
N TYR B 93 22.82 -4.43 9.74
CA TYR B 93 23.74 -3.76 10.63
C TYR B 93 24.75 -2.95 9.82
N GLN B 94 25.55 -2.15 10.53
CA GLN B 94 26.71 -1.47 9.98
C GLN B 94 27.90 -1.75 10.88
N ALA B 95 29.08 -1.90 10.28
CA ALA B 95 30.27 -2.37 10.98
C ALA B 95 31.51 -1.81 10.33
N LYS B 96 32.64 -1.94 11.04
CA LYS B 96 33.92 -1.43 10.56
C LYS B 96 34.91 -2.58 10.46
N LEU B 97 35.51 -2.73 9.27
CA LEU B 97 36.49 -3.79 9.05
C LEU B 97 37.79 -3.45 9.76
N CYS B 98 38.30 -4.41 10.54
CA CYS B 98 39.42 -4.14 11.43
C CYS B 98 40.73 -3.90 10.69
N ASP B 99 40.82 -4.30 9.42
CA ASP B 99 42.05 -4.18 8.66
C ASP B 99 42.09 -2.96 7.75
N SER B 100 41.09 -2.09 7.82
CA SER B 100 41.07 -0.94 6.92
C SER B 100 40.16 0.14 7.50
N GLY B 101 39.42 -0.19 8.56
CA GLY B 101 38.49 0.76 9.11
C GLY B 101 37.39 1.15 8.16
N GLU B 102 37.24 0.43 7.05
CA GLU B 102 36.17 0.70 6.10
C GLU B 102 34.82 0.31 6.67
N LEU B 103 33.86 1.21 6.57
CA LEU B 103 32.51 0.86 6.96
C LEU B 103 31.95 -0.13 5.96
N VAL B 104 31.09 -1.04 6.45
CA VAL B 104 30.41 -2.04 5.64
C VAL B 104 29.02 -2.24 6.21
N ALA B 105 28.11 -2.68 5.35
CA ALA B 105 26.78 -3.13 5.76
C ALA B 105 26.76 -4.66 5.81
N ILE B 106 26.13 -5.19 6.85
CA ILE B 106 25.82 -6.62 6.96
C ILE B 106 24.30 -6.77 6.97
N LYS B 107 23.74 -7.38 5.92
CA LYS B 107 22.34 -7.79 5.92
C LYS B 107 22.25 -9.22 6.42
N LYS B 108 21.44 -9.44 7.46
CA LYS B 108 21.27 -10.73 8.14
C LYS B 108 19.85 -11.23 7.90
N VAL B 109 19.68 -12.31 7.14
CA VAL B 109 18.36 -12.90 6.98
C VAL B 109 18.39 -14.34 7.46
N LEU B 110 17.21 -14.95 7.57
CA LEU B 110 17.13 -16.35 7.96
C LEU B 110 17.27 -17.22 6.71
N GLN B 111 18.08 -18.27 6.81
CA GLN B 111 18.35 -19.16 5.68
C GLN B 111 17.39 -20.34 5.68
N ASP B 112 16.66 -20.50 4.57
CA ASP B 112 15.88 -21.70 4.31
C ASP B 112 16.81 -22.86 4.01
N LYS B 113 16.69 -23.94 4.77
CA LYS B 113 17.55 -25.11 4.58
C LYS B 113 17.24 -25.87 3.30
N ARG B 114 16.09 -25.61 2.67
CA ARG B 114 15.72 -26.23 1.41
C ARG B 114 16.51 -25.76 0.20
N PHE B 115 16.28 -24.53 -0.22
CA PHE B 115 16.94 -23.98 -1.39
C PHE B 115 18.01 -23.01 -0.90
N LYS B 116 18.93 -22.69 -1.80
CA LYS B 116 19.85 -21.60 -1.56
C LYS B 116 19.12 -20.28 -1.70
N ASN B 117 19.68 -19.24 -1.06
CA ASN B 117 19.04 -17.92 -1.07
C ASN B 117 19.18 -17.26 -2.44
N ARG B 118 18.04 -16.85 -3.01
CA ARG B 118 18.03 -16.37 -4.38
C ARG B 118 18.77 -15.04 -4.51
N GLU B 119 18.75 -14.21 -3.45
CA GLU B 119 19.42 -12.92 -3.48
C GLU B 119 20.94 -13.11 -3.46
N LEU B 120 21.43 -14.07 -2.65
CA LEU B 120 22.85 -14.42 -2.67
C LEU B 120 23.30 -14.88 -4.06
N GLN B 121 22.49 -15.71 -4.72
CA GLN B 121 22.88 -16.24 -6.01
C GLN B 121 22.96 -15.14 -7.06
N ILE B 122 22.17 -14.09 -6.91
CA ILE B 122 22.20 -12.97 -7.85
C ILE B 122 23.35 -12.02 -7.51
N MET B 123 23.50 -11.65 -6.24
CA MET B 123 24.61 -10.76 -5.85
C MET B 123 25.96 -11.27 -6.34
N ARG B 124 26.19 -12.57 -6.30
CA ARG B 124 27.49 -13.12 -6.66
C ARG B 124 27.83 -12.97 -8.14
N LYS B 125 26.82 -12.83 -9.01
CA LYS B 125 27.01 -12.63 -10.44
C LYS B 125 26.99 -11.17 -10.88
N LEU B 126 26.83 -10.21 -9.96
CA LEU B 126 26.69 -8.81 -10.34
C LEU B 126 27.95 -8.04 -9.98
N ASP B 127 28.40 -7.16 -10.90
CA ASP B 127 29.58 -6.35 -10.64
C ASP B 127 29.48 -5.05 -11.44
N HIS B 128 28.99 -4.01 -10.79
CA HIS B 128 28.71 -2.75 -11.48
C HIS B 128 28.95 -1.61 -10.50
N CYS B 129 29.45 -0.49 -11.02
CA CYS B 129 29.75 0.67 -10.17
C CYS B 129 28.51 1.34 -9.58
N ASN B 130 27.31 1.02 -10.06
CA ASN B 130 26.07 1.57 -9.55
C ASN B 130 25.20 0.51 -8.91
N ILE B 131 25.84 -0.53 -8.38
CA ILE B 131 25.18 -1.58 -7.63
C ILE B 131 26.06 -1.84 -6.42
N VAL B 132 25.44 -1.86 -5.25
CA VAL B 132 26.16 -2.19 -4.03
C VAL B 132 26.83 -3.56 -4.18
N ARG B 133 28.15 -3.61 -3.95
CA ARG B 133 28.94 -4.84 -4.08
C ARG B 133 28.73 -5.77 -2.89
N LEU B 134 28.73 -7.08 -3.14
CA LEU B 134 28.73 -8.07 -2.06
C LEU B 134 30.18 -8.45 -1.77
N ARG B 135 30.73 -7.93 -0.68
CA ARG B 135 32.14 -8.16 -0.41
C ARG B 135 32.41 -9.56 0.12
N TYR B 136 31.68 -9.99 1.15
CA TYR B 136 31.78 -11.33 1.66
C TYR B 136 30.37 -11.80 2.01
N PHE B 137 30.24 -13.09 2.30
CA PHE B 137 29.03 -13.63 2.92
C PHE B 137 29.45 -14.82 3.77
N PHE B 138 28.66 -15.07 4.81
CA PHE B 138 28.96 -16.12 5.77
C PHE B 138 27.68 -16.47 6.52
N TYR B 139 27.65 -17.67 7.10
CA TYR B 139 26.48 -18.13 7.84
C TYR B 139 26.75 -18.08 9.35
N SER B 140 25.68 -17.99 10.11
CA SER B 140 25.83 -17.86 11.56
C SER B 140 24.49 -18.19 12.22
N SER B 141 24.53 -18.34 13.54
CA SER B 141 23.33 -18.65 14.28
C SER B 141 22.98 -17.51 15.23
N GLY B 142 22.59 -17.87 16.44
CA GLY B 142 22.16 -16.90 17.43
C GLY B 142 21.37 -17.61 18.49
N GLU B 143 22.06 -18.02 19.56
CA GLU B 143 21.49 -18.86 20.62
C GLU B 143 21.09 -20.21 20.01
N LYS B 144 20.09 -20.89 20.59
CA LYS B 144 19.65 -22.18 20.11
C LYS B 144 19.00 -22.08 18.74
N LYS B 145 17.67 -21.90 18.71
CA LYS B 145 16.89 -21.73 17.48
C LYS B 145 16.98 -22.94 16.55
N ASP B 146 18.18 -23.49 16.37
CA ASP B 146 18.49 -24.50 15.35
C ASP B 146 18.27 -23.95 13.94
N GLU B 147 18.29 -22.63 13.81
CA GLU B 147 18.05 -21.92 12.56
C GLU B 147 19.28 -21.12 12.16
N VAL B 148 19.64 -21.24 10.89
CA VAL B 148 20.84 -20.67 10.32
C VAL B 148 20.50 -19.31 9.70
N TYR B 149 21.35 -18.32 9.98
CA TYR B 149 21.24 -16.99 9.40
C TYR B 149 22.34 -16.77 8.36
N LEU B 150 21.93 -16.29 7.19
CA LEU B 150 22.81 -15.78 6.16
C LEU B 150 23.15 -14.31 6.43
N ASN B 151 24.43 -13.96 6.26
CA ASN B 151 24.93 -12.59 6.45
C ASN B 151 25.61 -12.14 5.16
N LEU B 152 25.15 -11.04 4.58
CA LEU B 152 25.77 -10.48 3.38
C LEU B 152 26.60 -9.27 3.78
N VAL B 153 27.91 -9.32 3.55
CA VAL B 153 28.73 -8.15 3.83
C VAL B 153 28.75 -7.27 2.59
N LEU B 154 28.08 -6.13 2.67
CA LEU B 154 27.97 -5.24 1.54
C LEU B 154 28.69 -3.94 1.81
N ASP B 155 28.79 -3.12 0.77
CA ASP B 155 29.35 -1.78 0.94
C ASP B 155 28.44 -0.90 1.78
N TYR B 156 29.04 0.05 2.49
CA TYR B 156 28.30 1.08 3.20
C TYR B 156 28.24 2.34 2.36
N VAL B 157 27.04 2.88 2.23
CA VAL B 157 26.84 4.18 1.60
C VAL B 157 25.98 4.99 2.57
N PRO B 158 26.36 6.23 2.90
CA PRO B 158 25.76 6.90 4.07
C PRO B 158 24.34 7.42 3.88
N GLU B 159 23.85 7.59 2.65
CA GLU B 159 22.56 8.21 2.46
C GLU B 159 21.73 7.43 1.46
N THR B 160 20.47 7.82 1.34
CA THR B 160 19.59 7.27 0.31
C THR B 160 18.91 8.39 -0.43
N VAL B 161 18.32 8.05 -1.56
CA VAL B 161 17.59 9.06 -2.31
C VAL B 161 16.36 9.49 -1.54
N TYR B 162 15.76 8.57 -0.78
CA TYR B 162 14.58 8.90 0.00
C TYR B 162 14.88 9.99 1.03
N ARG B 163 15.88 9.77 1.89
CA ARG B 163 16.17 10.75 2.94
C ARG B 163 16.58 12.09 2.35
N VAL B 164 17.36 12.09 1.28
CA VAL B 164 17.79 13.35 0.65
C VAL B 164 16.60 14.08 0.05
N ALA B 165 15.82 13.40 -0.78
CA ALA B 165 14.56 13.96 -1.25
C ALA B 165 13.75 14.56 -0.10
N ARG B 166 13.53 13.77 0.96
CA ARG B 166 12.71 14.19 2.11
C ARG B 166 13.22 15.48 2.72
N HIS B 167 14.53 15.70 2.69
CA HIS B 167 15.11 16.93 3.22
C HIS B 167 14.71 18.15 2.39
N TYR B 168 14.69 18.01 1.05
CA TYR B 168 14.26 19.14 0.24
C TYR B 168 12.76 19.35 0.32
N SER B 169 12.02 18.25 0.41
CA SER B 169 10.57 18.38 0.51
C SER B 169 10.18 19.08 1.81
N ARG B 170 10.78 18.68 2.93
CA ARG B 170 10.44 19.30 4.21
C ARG B 170 10.81 20.77 4.23
N ALA B 171 11.88 21.16 3.53
CA ALA B 171 12.28 22.57 3.42
C ALA B 171 11.64 23.28 2.22
N LYS B 172 10.59 22.72 1.64
CA LYS B 172 9.83 23.37 0.57
C LYS B 172 10.73 23.82 -0.60
N GLN B 173 11.75 23.02 -0.92
CA GLN B 173 12.58 23.18 -2.11
C GLN B 173 12.56 21.91 -2.95
N THR B 174 13.09 22.01 -4.16
CA THR B 174 13.27 20.83 -4.98
C THR B 174 14.76 20.58 -5.17
N LEU B 175 15.14 19.32 -5.17
CA LEU B 175 16.50 18.95 -5.47
C LEU B 175 16.91 19.59 -6.79
N PRO B 176 18.07 20.24 -6.85
CA PRO B 176 18.52 20.87 -8.11
C PRO B 176 18.74 19.84 -9.21
N VAL B 177 18.26 20.19 -10.40
CA VAL B 177 18.21 19.32 -11.57
C VAL B 177 19.54 18.60 -11.86
N ILE B 178 20.68 19.22 -11.55
CA ILE B 178 21.94 18.53 -11.81
C ILE B 178 21.96 17.21 -11.03
N TYR B 179 21.54 17.24 -9.77
CA TYR B 179 21.52 16.03 -8.97
C TYR B 179 20.42 15.06 -9.43
N VAL B 180 19.33 15.58 -10.01
CA VAL B 180 18.26 14.73 -10.53
C VAL B 180 18.75 13.96 -11.75
N LYS B 181 19.56 14.61 -12.60
CA LYS B 181 20.19 13.97 -13.75
C LYS B 181 21.19 12.91 -13.33
N LEU B 182 22.17 13.32 -12.52
CA LEU B 182 23.17 12.40 -12.00
C LEU B 182 22.55 11.14 -11.42
N TYR B 183 21.56 11.29 -10.52
CA TYR B 183 20.98 10.12 -9.86
C TYR B 183 20.19 9.27 -10.85
N MET B 184 19.26 9.88 -11.58
CA MET B 184 18.48 9.15 -12.58
C MET B 184 19.37 8.40 -13.57
N TYR B 185 20.46 9.02 -14.02
CA TYR B 185 21.32 8.39 -15.00
C TYR B 185 21.96 7.12 -14.42
N GLN B 186 22.61 7.23 -13.28
CA GLN B 186 23.21 6.05 -12.67
C GLN B 186 22.17 4.99 -12.35
N LEU B 187 20.96 5.39 -11.97
CA LEU B 187 19.93 4.37 -11.79
C LEU B 187 19.67 3.64 -13.09
N PHE B 188 19.62 4.35 -14.22
CA PHE B 188 19.34 3.66 -15.47
C PHE B 188 20.50 2.76 -15.91
N ARG B 189 21.74 3.17 -15.64
CA ARG B 189 22.87 2.28 -15.94
C ARG B 189 22.73 0.98 -15.16
N SER B 190 22.31 1.05 -13.90
CA SER B 190 22.23 -0.15 -13.09
C SER B 190 21.10 -1.06 -13.58
N LEU B 191 20.01 -0.48 -14.08
CA LEU B 191 18.94 -1.27 -14.66
C LEU B 191 19.38 -1.86 -16.01
N ALA B 192 20.08 -1.06 -16.85
CA ALA B 192 20.58 -1.58 -18.12
C ALA B 192 21.47 -2.79 -17.92
N TYR B 193 22.38 -2.73 -16.95
CA TYR B 193 23.22 -3.86 -16.58
C TYR B 193 22.37 -5.07 -16.17
N ILE B 194 21.59 -4.94 -15.08
CA ILE B 194 20.94 -6.15 -14.59
C ILE B 194 19.94 -6.69 -15.61
N HIS B 195 19.29 -5.81 -16.39
CA HIS B 195 18.36 -6.32 -17.39
C HIS B 195 19.09 -7.14 -18.44
N SER B 196 20.35 -6.80 -18.74
CA SER B 196 21.10 -7.59 -19.72
C SER B 196 21.28 -9.05 -19.30
N PHE B 197 21.21 -9.38 -18.00
CA PHE B 197 21.17 -10.78 -17.59
C PHE B 197 19.75 -11.31 -17.48
N GLY B 198 18.76 -10.57 -17.96
CA GLY B 198 17.37 -10.93 -17.74
C GLY B 198 16.88 -10.79 -16.31
N ILE B 199 17.60 -10.07 -15.45
CA ILE B 199 17.23 -9.94 -14.04
C ILE B 199 16.37 -8.71 -13.85
N CYS B 200 15.27 -8.87 -13.14
CA CYS B 200 14.39 -7.77 -12.76
C CYS B 200 14.52 -7.52 -11.27
N HIS B 201 14.65 -6.25 -10.90
CA HIS B 201 14.83 -5.89 -9.51
C HIS B 201 13.52 -6.01 -8.74
N ARG B 202 12.42 -5.56 -9.36
CA ARG B 202 11.06 -5.68 -8.87
C ARG B 202 10.78 -4.85 -7.62
N ASP B 203 11.74 -4.05 -7.15
CA ASP B 203 11.44 -3.15 -6.03
C ASP B 203 12.18 -1.81 -6.14
N ILE B 204 12.10 -1.15 -7.30
CA ILE B 204 12.78 0.14 -7.47
C ILE B 204 11.98 1.21 -6.72
N LYS B 205 12.56 1.72 -5.63
CA LYS B 205 11.97 2.80 -4.84
C LYS B 205 13.09 3.63 -4.24
N PRO B 206 12.81 4.90 -3.86
CA PRO B 206 13.87 5.77 -3.31
C PRO B 206 14.60 5.20 -2.09
N GLN B 207 13.94 4.41 -1.26
CA GLN B 207 14.65 3.80 -0.13
C GLN B 207 15.76 2.86 -0.57
N ASN B 208 15.64 2.25 -1.76
CA ASN B 208 16.63 1.31 -2.26
C ASN B 208 17.69 1.96 -3.13
N LEU B 209 17.79 3.30 -3.14
CA LEU B 209 18.74 4.01 -3.98
C LEU B 209 19.76 4.69 -3.07
N LEU B 210 20.86 4.00 -2.78
CA LEU B 210 21.87 4.57 -1.90
C LEU B 210 22.66 5.69 -2.60
N LEU B 211 23.12 6.64 -1.79
CA LEU B 211 23.82 7.83 -2.26
C LEU B 211 25.06 8.06 -1.41
N ASP B 212 26.16 8.37 -2.07
CA ASP B 212 27.26 9.01 -1.38
C ASP B 212 27.17 10.49 -1.72
N PRO B 213 26.87 11.36 -0.76
CA PRO B 213 26.65 12.77 -1.13
C PRO B 213 27.90 13.47 -1.62
N ASP B 214 29.06 13.21 -1.01
CA ASP B 214 30.28 13.87 -1.46
C ASP B 214 30.56 13.53 -2.91
N THR B 215 30.44 12.27 -3.30
CA THR B 215 30.88 11.89 -4.64
C THR B 215 29.75 11.81 -5.65
N ALA B 216 28.50 11.95 -5.22
CA ALA B 216 27.34 11.95 -6.13
C ALA B 216 27.12 10.56 -6.73
N VAL B 217 27.62 9.54 -6.07
CA VAL B 217 27.50 8.16 -6.53
C VAL B 217 26.22 7.57 -5.99
N LEU B 218 25.44 6.95 -6.87
CA LEU B 218 24.25 6.21 -6.50
C LEU B 218 24.51 4.73 -6.69
N LYS B 219 23.97 3.92 -5.82
CA LYS B 219 24.14 2.47 -5.88
C LYS B 219 22.80 1.81 -5.56
N LEU B 220 22.35 0.94 -6.46
CA LEU B 220 21.15 0.16 -6.25
C LEU B 220 21.41 -0.95 -5.25
N CYS B 221 20.39 -1.30 -4.48
CA CYS B 221 20.55 -2.23 -3.38
C CYS B 221 19.22 -2.90 -3.10
N ASP B 222 19.25 -3.87 -2.19
CA ASP B 222 18.07 -4.69 -1.87
C ASP B 222 17.63 -5.51 -3.08
N PHE B 223 18.23 -6.69 -3.25
CA PHE B 223 17.84 -7.59 -4.33
C PHE B 223 16.97 -8.76 -3.84
N GLY B 224 16.40 -8.64 -2.64
CA GLY B 224 15.57 -9.68 -2.04
C GLY B 224 14.26 -10.00 -2.76
N SER B 225 13.88 -9.26 -3.79
CA SER B 225 12.73 -9.67 -4.60
C SER B 225 13.13 -9.93 -6.04
N ALA B 226 14.42 -9.83 -6.34
CA ALA B 226 14.87 -9.85 -7.72
C ALA B 226 14.80 -11.28 -8.25
N LYS B 227 14.42 -11.39 -9.52
CA LYS B 227 14.25 -12.69 -10.13
C LYS B 227 14.62 -12.58 -11.60
N GLN B 228 15.22 -13.62 -12.16
CA GLN B 228 15.35 -13.63 -13.61
C GLN B 228 13.99 -13.95 -14.22
N LEU B 229 13.55 -13.10 -15.15
CA LEU B 229 12.26 -13.27 -15.82
C LEU B 229 12.47 -14.00 -17.14
N VAL B 230 11.96 -15.24 -17.21
CA VAL B 230 11.99 -16.08 -18.40
C VAL B 230 10.62 -16.04 -19.08
N ARG B 231 10.62 -15.82 -20.39
CA ARG B 231 9.37 -15.75 -21.14
C ARG B 231 8.62 -17.07 -21.02
N GLY B 232 7.29 -16.97 -20.85
CA GLY B 232 6.44 -18.12 -20.67
C GLY B 232 6.30 -18.62 -19.26
N GLU B 233 7.23 -18.25 -18.34
CA GLU B 233 7.01 -18.66 -16.95
C GLU B 233 6.32 -17.54 -16.16
N PRO B 234 5.33 -17.84 -15.36
CA PRO B 234 4.63 -16.79 -14.61
C PRO B 234 5.44 -16.30 -13.42
N ASN B 235 5.17 -15.05 -13.01
CA ASN B 235 5.75 -14.51 -11.79
C ASN B 235 4.69 -13.77 -10.99
N VAL B 236 4.90 -13.77 -9.66
CA VAL B 236 3.95 -13.17 -8.72
C VAL B 236 3.79 -11.68 -8.99
N SER B 237 2.56 -11.20 -8.87
CA SER B 237 2.23 -9.81 -9.15
C SER B 237 2.21 -8.94 -7.88
N TYR B 238 2.56 -9.50 -6.73
CA TYR B 238 2.53 -8.77 -5.48
C TYR B 238 3.91 -8.31 -5.06
N ILE B 239 4.83 -8.14 -6.00
CA ILE B 239 6.11 -7.54 -5.67
C ILE B 239 5.98 -6.05 -5.93
N CYS B 240 6.98 -5.28 -5.48
CA CYS B 240 7.12 -3.85 -5.80
C CYS B 240 6.27 -2.99 -4.89
N SER B 241 6.89 -1.97 -4.30
CA SER B 241 6.26 -1.08 -3.36
C SER B 241 5.16 -0.25 -3.99
N ARG B 242 4.20 0.11 -3.15
CA ARG B 242 3.13 1.02 -3.49
C ARG B 242 3.68 2.42 -3.80
N TYR B 243 3.04 3.06 -4.77
CA TYR B 243 3.43 4.35 -5.37
C TYR B 243 4.26 4.08 -6.62
N TYR B 244 4.99 2.97 -6.64
CA TYR B 244 5.94 2.65 -7.71
C TYR B 244 5.56 1.44 -8.53
N ARG B 245 4.47 0.75 -8.19
CA ARG B 245 3.99 -0.38 -8.98
C ARG B 245 3.51 0.05 -10.37
N ALA B 246 3.98 -0.67 -11.38
CA ALA B 246 3.52 -0.50 -12.76
C ALA B 246 2.06 -0.94 -12.90
N PRO B 247 1.32 -0.37 -13.86
CA PRO B 247 -0.10 -0.71 -13.99
C PRO B 247 -0.37 -2.20 -14.18
N GLU B 248 0.35 -2.88 -15.07
CA GLU B 248 0.14 -4.31 -15.25
C GLU B 248 0.29 -5.09 -13.93
N LEU B 249 1.04 -4.55 -12.97
CA LEU B 249 1.11 -5.18 -11.66
C LEU B 249 -0.17 -4.95 -10.87
N ILE B 250 -0.70 -3.72 -10.89
CA ILE B 250 -1.94 -3.46 -10.18
C ILE B 250 -3.05 -4.33 -10.74
N PHE B 251 -3.14 -4.44 -12.07
CA PHE B 251 -4.11 -5.35 -12.68
C PHE B 251 -3.75 -6.82 -12.50
N GLY B 252 -2.77 -7.16 -11.66
CA GLY B 252 -2.49 -8.56 -11.38
C GLY B 252 -1.92 -9.42 -12.49
N ALA B 253 -1.40 -8.84 -13.58
CA ALA B 253 -0.73 -9.63 -14.60
C ALA B 253 0.44 -10.42 -14.01
N THR B 254 0.74 -11.57 -14.64
CA THR B 254 1.86 -12.41 -14.25
C THR B 254 2.83 -12.64 -15.40
N ASP B 255 2.56 -12.07 -16.57
CA ASP B 255 3.43 -12.15 -17.74
C ASP B 255 4.17 -10.85 -17.99
N TYR B 256 4.56 -10.15 -16.92
CA TYR B 256 5.23 -8.87 -17.05
C TYR B 256 6.72 -9.06 -17.35
N THR B 257 7.33 -8.04 -17.95
CA THR B 257 8.73 -8.05 -18.34
C THR B 257 9.54 -7.12 -17.44
N SER B 258 10.78 -6.85 -17.86
CA SER B 258 11.62 -5.95 -17.07
C SER B 258 11.12 -4.53 -17.11
N SER B 259 10.25 -4.18 -18.05
CA SER B 259 9.76 -2.80 -18.08
C SER B 259 9.00 -2.41 -16.82
N ILE B 260 8.77 -3.32 -15.87
CA ILE B 260 8.21 -2.83 -14.62
C ILE B 260 9.21 -1.94 -13.89
N ASP B 261 10.52 -2.27 -13.95
CA ASP B 261 11.53 -1.43 -13.32
C ASP B 261 11.58 -0.05 -13.96
N VAL B 262 11.34 0.04 -15.27
CA VAL B 262 11.39 1.34 -15.93
C VAL B 262 10.24 2.21 -15.46
N TRP B 263 9.04 1.64 -15.39
CA TRP B 263 7.93 2.34 -14.76
C TRP B 263 8.31 2.85 -13.37
N SER B 264 8.83 1.97 -12.52
CA SER B 264 9.21 2.42 -11.19
C SER B 264 10.21 3.56 -11.27
N ALA B 265 11.17 3.45 -12.21
CA ALA B 265 12.19 4.48 -12.32
C ALA B 265 11.56 5.85 -12.66
N GLY B 266 10.75 5.89 -13.72
CA GLY B 266 9.98 7.08 -14.01
C GLY B 266 9.17 7.62 -12.83
N CYS B 267 8.66 6.73 -11.96
CA CYS B 267 8.00 7.22 -10.75
C CYS B 267 8.97 7.92 -9.82
N VAL B 268 10.20 7.41 -9.73
CA VAL B 268 11.23 8.11 -8.98
C VAL B 268 11.51 9.46 -9.63
N LEU B 269 11.68 9.48 -10.95
CA LEU B 269 11.97 10.75 -11.62
C LEU B 269 10.88 11.78 -11.35
N ALA B 270 9.60 11.41 -11.53
CA ALA B 270 8.52 12.35 -11.29
C ALA B 270 8.54 12.86 -9.86
N GLU B 271 8.90 12.00 -8.92
CA GLU B 271 8.87 12.40 -7.52
C GLU B 271 9.96 13.41 -7.21
N LEU B 272 11.15 13.21 -7.78
CA LEU B 272 12.24 14.17 -7.61
C LEU B 272 11.91 15.51 -8.24
N LEU B 273 11.19 15.50 -9.37
CA LEU B 273 10.77 16.76 -9.96
C LEU B 273 9.67 17.43 -9.15
N LEU B 274 8.62 16.69 -8.76
CA LEU B 274 7.47 17.27 -8.09
C LEU B 274 7.72 17.59 -6.62
N GLY B 275 8.53 16.78 -5.92
CA GLY B 275 8.68 16.94 -4.49
C GLY B 275 7.76 16.07 -3.66
N GLN B 276 7.08 15.11 -4.29
CA GLN B 276 6.16 14.20 -3.63
C GLN B 276 5.79 13.11 -4.63
N PRO B 277 5.24 11.99 -4.17
CA PRO B 277 4.95 10.90 -5.11
C PRO B 277 3.85 11.28 -6.10
N ILE B 278 4.06 10.91 -7.38
CA ILE B 278 3.07 11.25 -8.41
C ILE B 278 1.84 10.35 -8.35
N PHE B 279 1.96 9.07 -7.95
CA PHE B 279 0.82 8.16 -8.00
C PHE B 279 0.53 7.57 -6.61
N PRO B 280 0.18 8.41 -5.64
CA PRO B 280 -0.10 7.92 -4.29
C PRO B 280 -1.47 7.26 -4.22
N GLY B 281 -1.70 6.55 -3.12
CA GLY B 281 -2.95 5.85 -2.95
C GLY B 281 -2.82 4.63 -2.06
N ASP B 282 -3.73 4.49 -1.11
CA ASP B 282 -3.67 3.36 -0.20
C ASP B 282 -4.23 2.09 -0.82
N SER B 283 -4.85 2.18 -2.00
CA SER B 283 -5.38 1.01 -2.67
C SER B 283 -5.01 1.05 -4.14
N GLY B 284 -5.13 -0.10 -4.78
CA GLY B 284 -4.98 -0.15 -6.22
C GLY B 284 -5.94 0.77 -6.95
N VAL B 285 -7.19 0.82 -6.48
CA VAL B 285 -8.15 1.74 -7.09
C VAL B 285 -7.68 3.18 -6.95
N ASP B 286 -7.22 3.57 -5.77
CA ASP B 286 -6.77 4.93 -5.59
C ASP B 286 -5.57 5.25 -6.47
N GLN B 287 -4.61 4.32 -6.57
CA GLN B 287 -3.44 4.54 -7.42
C GLN B 287 -3.82 4.62 -8.89
N LEU B 288 -4.72 3.75 -9.37
CA LEU B 288 -5.09 3.82 -10.79
C LEU B 288 -5.76 5.14 -11.12
N VAL B 289 -6.56 5.69 -10.21
CA VAL B 289 -7.21 6.97 -10.48
C VAL B 289 -6.16 8.05 -10.67
N GLU B 290 -5.11 8.05 -9.85
CA GLU B 290 -4.08 9.08 -10.00
C GLU B 290 -3.35 8.94 -11.33
N ILE B 291 -3.19 7.70 -11.81
CA ILE B 291 -2.58 7.43 -13.11
C ILE B 291 -3.52 7.86 -14.24
N ILE B 292 -4.82 7.53 -14.15
CA ILE B 292 -5.79 7.98 -15.15
C ILE B 292 -5.80 9.51 -15.22
N LYS B 293 -5.65 10.18 -14.08
CA LYS B 293 -5.61 11.64 -14.05
C LYS B 293 -4.49 12.17 -14.92
N VAL B 294 -3.32 11.55 -14.88
CA VAL B 294 -2.16 12.06 -15.61
C VAL B 294 -2.14 11.57 -17.04
N LEU B 295 -2.21 10.26 -17.24
CA LEU B 295 -2.05 9.64 -18.55
C LEU B 295 -3.33 9.58 -19.37
N GLY B 296 -4.49 9.81 -18.78
CA GLY B 296 -5.75 9.64 -19.48
C GLY B 296 -6.25 8.21 -19.44
N THR B 297 -7.48 8.01 -19.88
CA THR B 297 -8.10 6.69 -19.84
C THR B 297 -7.38 5.74 -20.80
N PRO B 298 -6.97 4.56 -20.34
CA PRO B 298 -6.31 3.62 -21.26
C PRO B 298 -7.28 3.05 -22.29
N THR B 299 -6.84 3.03 -23.55
CA THR B 299 -7.63 2.45 -24.62
C THR B 299 -7.73 0.94 -24.45
N ARG B 300 -8.84 0.38 -24.96
CA ARG B 300 -9.05 -1.07 -24.88
C ARG B 300 -7.82 -1.83 -25.37
N GLU B 301 -7.12 -1.30 -26.37
CA GLU B 301 -5.85 -1.87 -26.81
C GLU B 301 -4.83 -1.87 -25.68
N GLN B 302 -4.59 -0.70 -25.07
CA GLN B 302 -3.60 -0.58 -24.01
C GLN B 302 -3.91 -1.49 -22.82
N ILE B 303 -5.19 -1.71 -22.51
CA ILE B 303 -5.55 -2.62 -21.43
C ILE B 303 -5.15 -4.05 -21.76
N ARG B 304 -5.38 -4.49 -23.00
CA ARG B 304 -5.00 -5.85 -23.41
C ARG B 304 -3.49 -6.05 -23.33
N GLU B 305 -2.70 -4.99 -23.62
CA GLU B 305 -1.24 -5.11 -23.56
C GLU B 305 -0.75 -5.26 -22.13
N MET B 306 -1.34 -4.52 -21.18
CA MET B 306 -1.00 -4.63 -19.76
C MET B 306 -1.36 -5.97 -19.14
N ASN B 307 -2.65 -6.21 -18.98
CA ASN B 307 -3.17 -7.46 -18.41
C ASN B 307 -4.23 -7.96 -19.36
N PRO B 308 -3.89 -8.91 -20.25
CA PRO B 308 -4.86 -9.36 -21.27
C PRO B 308 -6.11 -9.95 -20.67
N ASN B 309 -6.01 -10.53 -19.47
CA ASN B 309 -7.18 -11.10 -18.79
C ASN B 309 -8.29 -10.08 -18.64
N TYR B 310 -7.94 -8.79 -18.58
CA TYR B 310 -8.88 -7.71 -18.36
C TYR B 310 -9.59 -7.92 -17.01
N THR B 311 -9.19 -7.17 -15.98
CA THR B 311 -9.73 -7.40 -14.63
C THR B 311 -11.26 -7.32 -14.59
N GLU B 312 -11.89 -6.77 -15.64
CA GLU B 312 -13.34 -6.56 -15.75
C GLU B 312 -13.77 -5.38 -14.85
N PHE B 313 -13.36 -4.19 -15.28
CA PHE B 313 -13.65 -2.97 -14.55
C PHE B 313 -13.80 -1.83 -15.57
N LYS B 314 -14.68 -0.90 -15.23
CA LYS B 314 -14.99 0.27 -16.02
C LYS B 314 -14.54 1.51 -15.25
N PHE B 315 -13.72 2.33 -15.90
CA PHE B 315 -13.08 3.49 -15.34
C PHE B 315 -13.73 4.75 -15.89
N PRO B 316 -13.75 5.83 -15.11
CA PRO B 316 -14.29 7.10 -15.63
C PRO B 316 -13.39 7.64 -16.74
N GLN B 317 -14.02 8.31 -17.70
CA GLN B 317 -13.34 8.78 -18.90
C GLN B 317 -12.78 10.16 -18.62
N ILE B 318 -11.45 10.25 -18.51
CA ILE B 318 -10.76 11.51 -18.24
C ILE B 318 -9.72 11.73 -19.34
N LYS B 319 -9.75 12.93 -19.93
CA LYS B 319 -8.79 13.31 -20.95
C LYS B 319 -7.38 13.36 -20.36
N ALA B 320 -6.39 13.26 -21.25
CA ALA B 320 -4.99 13.31 -20.86
C ALA B 320 -4.65 14.68 -20.27
N HIS B 321 -4.15 14.67 -19.05
CA HIS B 321 -3.57 15.87 -18.43
C HIS B 321 -2.27 16.25 -19.14
N PRO B 322 -2.20 17.42 -19.79
CA PRO B 322 -0.96 17.78 -20.52
C PRO B 322 0.23 17.79 -19.57
N TRP B 323 1.22 16.94 -19.86
CA TRP B 323 2.29 16.67 -18.91
C TRP B 323 2.94 17.95 -18.41
N THR B 324 2.98 18.98 -19.26
CA THR B 324 3.58 20.25 -18.87
C THR B 324 2.78 20.98 -17.80
N LYS B 325 1.55 20.55 -17.52
CA LYS B 325 0.72 21.11 -16.45
C LYS B 325 0.81 20.31 -15.15
N VAL B 326 1.63 19.25 -15.11
CA VAL B 326 1.81 18.44 -13.91
C VAL B 326 2.91 19.02 -13.02
N PHE B 327 3.94 19.63 -13.60
CA PHE B 327 5.13 20.01 -12.85
C PHE B 327 5.16 21.51 -12.61
N ARG B 328 6.11 21.94 -11.77
CA ARG B 328 6.38 23.36 -11.59
C ARG B 328 6.61 24.04 -12.94
N PRO B 329 6.50 25.37 -12.98
CA PRO B 329 6.72 26.10 -14.25
C PRO B 329 8.15 26.00 -14.78
N ARG B 330 9.16 26.08 -13.93
CA ARG B 330 10.54 26.08 -14.39
C ARG B 330 11.11 24.68 -14.57
N THR B 331 10.25 23.67 -14.71
CA THR B 331 10.71 22.30 -14.85
C THR B 331 11.22 22.06 -16.27
N PRO B 332 12.45 21.57 -16.44
CA PRO B 332 13.03 21.46 -17.80
C PRO B 332 12.15 20.64 -18.70
N PRO B 333 11.89 21.09 -19.93
CA PRO B 333 11.05 20.28 -20.83
C PRO B 333 11.64 18.92 -21.15
N GLU B 334 12.97 18.80 -21.15
CA GLU B 334 13.55 17.49 -21.40
C GLU B 334 13.19 16.51 -20.29
N ALA B 335 13.19 16.96 -19.02
CA ALA B 335 12.75 16.11 -17.92
C ALA B 335 11.31 15.65 -18.10
N ILE B 336 10.41 16.56 -18.49
CA ILE B 336 9.04 16.15 -18.74
C ILE B 336 8.98 15.16 -19.91
N ALA B 337 9.77 15.40 -20.96
CA ALA B 337 9.74 14.53 -22.13
C ALA B 337 10.16 13.10 -21.77
N LEU B 338 11.16 12.96 -20.89
CA LEU B 338 11.60 11.64 -20.47
C LEU B 338 10.57 10.95 -19.58
N CYS B 339 9.89 11.69 -18.71
CA CYS B 339 8.82 11.08 -17.92
C CYS B 339 7.74 10.50 -18.82
N SER B 340 7.37 11.22 -19.88
CA SER B 340 6.29 10.74 -20.71
C SER B 340 6.67 9.45 -21.43
N ARG B 341 7.96 9.23 -21.67
CA ARG B 341 8.42 8.02 -22.32
C ARG B 341 8.73 6.90 -21.34
N LEU B 342 8.80 7.19 -20.04
CA LEU B 342 8.94 6.12 -19.06
C LEU B 342 7.59 5.66 -18.51
N LEU B 343 6.67 6.57 -18.24
CA LEU B 343 5.37 6.20 -17.66
C LEU B 343 4.35 5.96 -18.77
N GLU B 344 4.48 4.82 -19.44
CA GLU B 344 3.58 4.46 -20.52
C GLU B 344 2.69 3.29 -20.07
N TYR B 345 1.44 3.29 -20.53
CA TYR B 345 0.61 2.11 -20.31
C TYR B 345 1.23 0.89 -20.96
N THR B 346 1.49 0.94 -22.26
CA THR B 346 1.96 -0.27 -22.95
C THR B 346 3.38 -0.61 -22.53
N PRO B 347 3.61 -1.77 -21.88
CA PRO B 347 4.96 -2.04 -21.33
C PRO B 347 6.05 -2.03 -22.40
N THR B 348 5.75 -2.46 -23.62
CA THR B 348 6.75 -2.37 -24.68
C THR B 348 6.90 -0.97 -25.27
N ALA B 349 6.01 -0.03 -24.95
CA ALA B 349 6.26 1.33 -25.45
C ALA B 349 7.24 2.10 -24.57
N ARG B 350 7.59 1.55 -23.40
CA ARG B 350 8.46 2.29 -22.50
C ARG B 350 9.91 2.19 -22.97
N LEU B 351 10.68 3.24 -22.70
CA LEU B 351 12.10 3.22 -22.99
C LEU B 351 12.76 2.03 -22.31
N THR B 352 13.83 1.54 -22.91
CA THR B 352 14.66 0.62 -22.17
C THR B 352 15.66 1.41 -21.34
N PRO B 353 16.18 0.84 -20.26
CA PRO B 353 17.17 1.57 -19.46
C PRO B 353 18.29 2.21 -20.29
N LEU B 354 18.75 1.51 -21.34
CA LEU B 354 19.87 2.04 -22.10
C LEU B 354 19.46 3.21 -22.98
N GLU B 355 18.29 3.11 -23.65
CA GLU B 355 17.75 4.24 -24.39
C GLU B 355 17.54 5.45 -23.51
N ALA B 356 17.20 5.26 -22.23
CA ALA B 356 17.02 6.42 -21.37
C ALA B 356 18.34 7.08 -21.03
N CYS B 357 19.42 6.29 -20.83
CA CYS B 357 20.73 6.89 -20.63
C CYS B 357 21.09 7.86 -21.76
N ALA B 358 20.67 7.58 -22.99
CA ALA B 358 20.99 8.44 -24.13
C ALA B 358 19.95 9.51 -24.37
N HIS B 359 19.07 9.77 -23.41
CA HIS B 359 18.06 10.83 -23.57
C HIS B 359 18.71 12.20 -23.46
N SER B 360 18.12 13.17 -24.17
CA SER B 360 18.66 14.53 -24.14
C SER B 360 18.63 15.15 -22.75
N PHE B 361 17.76 14.66 -21.85
CA PHE B 361 17.73 15.18 -20.49
C PHE B 361 19.09 15.01 -19.79
N PHE B 362 19.92 14.07 -20.23
CA PHE B 362 21.21 13.82 -19.61
C PHE B 362 22.37 14.43 -20.39
N ASP B 363 22.08 15.30 -21.37
CA ASP B 363 23.14 15.90 -22.20
C ASP B 363 24.13 16.71 -21.39
N GLU B 364 23.66 17.44 -20.37
CA GLU B 364 24.58 18.16 -19.50
C GLU B 364 25.62 17.24 -18.87
N LEU B 365 25.29 15.96 -18.67
CA LEU B 365 26.26 15.07 -18.04
C LEU B 365 27.40 14.71 -18.97
N ARG B 366 27.16 14.73 -20.28
CA ARG B 366 28.15 14.44 -21.28
C ARG B 366 28.90 15.69 -21.75
N ASP B 367 28.64 16.84 -21.14
CA ASP B 367 29.41 18.06 -21.41
C ASP B 367 30.79 17.93 -20.79
N PRO B 368 31.85 18.23 -21.54
CA PRO B 368 33.22 18.03 -21.03
C PRO B 368 33.54 18.85 -19.80
N ASN B 369 32.83 19.95 -19.56
CA ASN B 369 33.15 20.87 -18.48
C ASN B 369 32.20 20.76 -17.29
N VAL B 370 31.33 19.76 -17.27
CA VAL B 370 30.41 19.61 -16.14
C VAL B 370 31.21 19.30 -14.88
N LYS B 371 30.80 19.89 -13.76
CA LYS B 371 31.42 19.58 -12.48
C LYS B 371 30.33 19.51 -11.44
N LEU B 372 30.68 19.01 -10.27
CA LEU B 372 29.72 18.96 -9.18
C LEU B 372 29.59 20.35 -8.54
N PRO B 373 28.47 20.64 -7.89
CA PRO B 373 28.35 21.92 -7.16
C PRO B 373 29.39 22.10 -6.06
N ASN B 374 29.96 21.03 -5.49
CA ASN B 374 31.04 21.15 -4.52
C ASN B 374 32.42 21.11 -5.15
N GLY B 375 32.52 21.22 -6.47
CA GLY B 375 33.80 21.39 -7.14
C GLY B 375 34.45 20.11 -7.61
N ARG B 376 34.05 18.95 -7.09
CA ARG B 376 34.64 17.69 -7.55
C ARG B 376 34.17 17.32 -8.95
N ASP B 377 34.91 16.40 -9.57
CA ASP B 377 34.51 15.84 -10.85
C ASP B 377 33.32 14.91 -10.69
N THR B 378 32.60 14.69 -11.79
CA THR B 378 31.49 13.76 -11.73
C THR B 378 32.04 12.34 -11.58
N PRO B 379 31.29 11.45 -10.99
CA PRO B 379 31.78 10.08 -10.86
C PRO B 379 31.74 9.33 -12.19
N ALA B 380 32.19 8.08 -12.19
CA ALA B 380 32.20 7.28 -13.40
C ALA B 380 30.84 7.28 -14.05
N LEU B 381 30.78 7.63 -15.32
CA LEU B 381 29.51 7.66 -16.04
C LEU B 381 29.58 7.01 -17.39
N PHE B 382 30.79 6.78 -17.95
CA PHE B 382 30.94 6.38 -19.34
C PHE B 382 31.72 5.08 -19.52
N ASN B 383 32.24 4.52 -18.44
CA ASN B 383 32.95 3.25 -18.47
C ASN B 383 31.98 2.08 -18.75
N PHE B 384 31.32 2.15 -19.89
CA PHE B 384 30.43 1.06 -20.25
C PHE B 384 31.23 -0.21 -20.59
N THR B 385 30.57 -1.37 -20.42
CA THR B 385 31.07 -2.65 -20.91
C THR B 385 30.16 -3.17 -22.02
N THR B 386 30.70 -4.09 -22.83
CA THR B 386 29.91 -4.80 -23.84
C THR B 386 28.62 -5.38 -23.24
N GLN B 387 28.75 -6.08 -22.10
CA GLN B 387 27.58 -6.65 -21.44
C GLN B 387 26.51 -5.59 -21.23
N GLU B 388 26.92 -4.39 -20.82
CA GLU B 388 25.98 -3.34 -20.42
C GLU B 388 25.25 -2.75 -21.62
N LEU B 389 25.92 -2.74 -22.79
CA LEU B 389 25.42 -2.14 -24.03
C LEU B 389 24.79 -3.16 -24.96
N SER B 390 24.78 -4.45 -24.58
CA SER B 390 24.35 -5.53 -25.47
C SER B 390 22.91 -5.40 -25.95
N SER B 391 22.04 -4.73 -25.20
CA SER B 391 20.69 -4.49 -25.70
C SER B 391 20.70 -3.69 -27.02
N ASN B 392 21.74 -2.85 -27.26
CA ASN B 392 21.69 -1.89 -28.37
C ASN B 392 23.05 -1.19 -28.54
N PRO B 393 24.06 -1.88 -29.08
CA PRO B 393 25.44 -1.36 -29.09
C PRO B 393 25.60 -0.06 -29.86
N PRO B 394 24.86 0.18 -31.01
CA PRO B 394 24.95 1.49 -31.69
C PRO B 394 24.88 2.70 -30.77
N LEU B 395 24.32 2.52 -29.59
CA LEU B 395 24.13 3.65 -28.66
C LEU B 395 25.43 4.14 -28.03
N ALA B 396 26.55 3.43 -28.22
CA ALA B 396 27.81 3.85 -27.61
C ALA B 396 28.24 5.21 -28.15
N THR B 397 27.92 5.53 -29.40
CA THR B 397 28.40 6.79 -29.96
C THR B 397 27.76 8.00 -29.27
N ILE B 398 26.61 7.83 -28.62
CA ILE B 398 26.02 8.87 -27.80
C ILE B 398 26.42 8.72 -26.34
N LEU B 399 26.40 7.48 -25.84
CA LEU B 399 26.58 7.25 -24.41
C LEU B 399 27.97 7.63 -23.94
N ILE B 400 28.96 7.51 -24.82
CA ILE B 400 30.35 7.81 -24.50
C ILE B 400 30.73 9.09 -25.27
N PRO B 401 30.81 10.23 -24.61
CA PRO B 401 31.07 11.47 -25.31
C PRO B 401 32.47 11.48 -25.90
N PRO B 402 32.69 12.28 -26.94
CA PRO B 402 34.02 12.42 -27.53
C PRO B 402 35.15 12.62 -26.52
N HIS B 403 34.89 13.21 -25.37
CA HIS B 403 35.98 13.57 -24.46
C HIS B 403 36.34 12.51 -23.44
N ALA B 404 35.66 11.37 -23.40
CA ALA B 404 35.93 10.40 -22.34
C ALA B 404 36.99 9.39 -22.74
C02 A1IXN C . -16.81 11.89 8.02
C04 A1IXN C . -15.34 12.78 9.83
C05 A1IXN C . -15.33 13.92 10.88
C06 A1IXN C . -13.92 13.97 11.57
C08 A1IXN C . -13.32 15.62 10.27
C09 A1IXN C . -13.30 17.12 10.16
C11 A1IXN C . -13.44 17.44 12.49
C12 A1IXN C . -13.93 15.99 12.56
C13 A1IXN C . -11.12 17.75 11.30
C14 A1IXN C . -10.44 17.09 10.28
C15 A1IXN C . -9.06 17.12 10.25
C16 A1IXN C . -8.34 17.83 11.26
C17 A1IXN C . -9.03 18.51 12.27
C18 A1IXN C . -10.40 18.48 12.32
C20 A1IXN C . -19.43 11.97 8.01
C23 A1IXN C . -19.76 10.91 5.96
C24 A1IXN C . -20.27 10.31 4.77
C25 A1IXN C . -19.37 9.78 3.83
C26 A1IXN C . -17.95 9.87 4.06
C27 A1IXN C . -17.46 10.47 5.22
C28 A1IXN C . -18.35 10.98 6.17
C29 A1IXN C . -17.07 9.33 3.12
C30 A1IXN C . -15.75 9.03 3.55
C31 A1IXN C . -14.93 8.46 2.64
C32 A1IXN C . -15.41 8.18 1.33
C34 A1IXN C . -17.48 9.01 1.83
N03 A1IXN C . -16.70 12.54 9.30
N07 A1IXN C . -13.43 15.16 11.56
N10 A1IXN C . -12.63 17.70 11.30
N19 A1IXN C . -18.13 11.63 7.44
N22 A1IXN C . -20.44 11.53 7.11
N33 A1IXN C . -16.65 8.45 0.99
O01 A1IXN C . -15.82 11.58 7.41
O21 A1IXN C . -19.61 12.51 9.04
C02 A1IXN D . 22.15 1.74 3.67
C04 A1IXN D . 21.86 4.04 4.53
C05 A1IXN D . 22.50 4.76 5.73
C06 A1IXN D . 21.51 5.81 6.32
C08 A1IXN D . 20.06 5.31 7.82
C09 A1IXN D . 19.77 5.34 9.31
C11 A1IXN D . 21.18 7.33 9.20
C12 A1IXN D . 22.07 6.46 8.30
C13 A1IXN D . 20.01 6.81 11.42
C14 A1IXN D . 19.50 5.80 12.22
C15 A1IXN D . 19.44 5.99 13.59
C16 A1IXN D . 19.90 7.21 14.17
C17 A1IXN D . 20.40 8.22 13.36
C18 A1IXN D . 20.47 8.05 12.00
C20 A1IXN D . 24.42 0.65 2.96
C23 A1IXN D . 23.58 -1.43 2.31
C24 A1IXN D . 23.38 -2.76 1.85
C25 A1IXN D . 22.10 -3.29 1.83
C26 A1IXN D . 20.93 -2.53 2.26
C27 A1IXN D . 21.15 -1.22 2.73
C28 A1IXN D . 22.45 -0.68 2.76
C29 A1IXN D . 19.65 -3.12 2.25
C30 A1IXN D . 18.54 -2.42 2.78
C31 A1IXN D . 17.32 -3.04 2.78
C32 A1IXN D . 17.19 -4.36 2.26
C34 A1IXN D . 19.45 -4.42 1.77
N03 A1IXN D . 22.77 2.98 4.03
N07 A1IXN D . 21.40 5.50 7.55
N10 A1IXN D . 20.10 6.65 9.91
N19 A1IXN D . 22.96 0.62 3.16
N22 A1IXN D . 24.80 -0.61 2.43
N33 A1IXN D . 18.26 -4.98 1.78
O01 A1IXN D . 20.96 1.61 3.79
O21 A1IXN D . 25.13 1.55 3.20
#